data_1U5T
#
_entry.id   1U5T
#
_cell.length_a   150.040
_cell.length_b   150.040
_cell.length_c   185.760
_cell.angle_alpha   90.00
_cell.angle_beta   90.00
_cell.angle_gamma   90.00
#
_symmetry.space_group_name_H-M   'P 43 2 2'
#
loop_
_entity.id
_entity.type
_entity.pdbx_description
1 polymer 'appears to be functionally related to SNF7; Snf8p'
2 polymer 'Defective in vacuolar protein sorting; Vps36p'
3 polymer 'Hypothetical 23.6 kDa protein in YUH1-URA8 intergenic region'
#
loop_
_entity_poly.entity_id
_entity_poly.type
_entity_poly.pdbx_seq_one_letter_code
_entity_poly.pdbx_strand_id
1 'polypeptide(L)'
;MKQFGLAAFDELKDGKYNDVNKTILEKQSVELRDQLMVFQERLVEFAKKHNSELQASPEFRSKFMHMCSSIGIDPLSLFD
RDKHLFTVNDFYYEVCLKVIEICRQTKDMNGGVISFQELEKVHFRKLNVGLDDLEKSIDMLKSLECFEIFQIRGKKFLRS
VPNELTSDQTKILEICSILGYSSISLLKANLGWEAVRSKSALDEMVANGLLWIDYQGGAEALYWDPSWITRQL
;
A
2 'polypeptide(L)'
;LDREKFLNKELFLDEIAREIYEFTLSEFKDLNSDTNYMIITLVDLYAMYNKSMRIGTGLISPMEMREACERFEHLGLNEL
KLVKVNKRILCVTSEKFDVVKEKLVDLIGDNPGSDLLRLTQILSSNNSKSNWTLGILMEVLQNCVDEGDLLIDKQLSGIY
YYKNSYWPS
;
B
3 'polypeptide(L)'
;MSALPPVYSFPPLYTRQPNSLTRRQQISTWIDIISQYCKTKKIWYMSVDGTVINDNELDSGSTDNDDSKKISKNLFNNED
IQRSVSQVFIDEIWSQMTKEGKCLPIDQSGRRSSNTTTTRYFILWKSLDSWASLILQWFEDSGKLNQVITLYELSEGDET
VNWEFHRMPESLLYYCLKPLCDRNRATMLKDENDKVIAIKVV
;
C,D
#
# COMPACT_ATOMS: atom_id res chain seq x y z
N VAL A 20 -61.59 -14.05 26.23
CA VAL A 20 -62.04 -12.68 26.63
C VAL A 20 -60.84 -11.82 27.09
N ASN A 21 -59.74 -11.85 26.34
CA ASN A 21 -58.52 -11.07 26.64
C ASN A 21 -57.96 -10.37 25.38
N LYS A 22 -57.92 -9.03 25.42
CA LYS A 22 -57.43 -8.23 24.29
C LYS A 22 -56.91 -6.84 24.70
N THR A 23 -57.59 -6.18 25.64
CA THR A 23 -57.22 -4.85 26.10
C THR A 23 -56.35 -4.80 27.37
N ILE A 24 -56.44 -5.84 28.20
CA ILE A 24 -55.68 -5.90 29.47
C ILE A 24 -54.17 -5.68 29.25
N LEU A 25 -53.77 -5.42 28.01
CA LEU A 25 -52.37 -5.18 27.70
C LEU A 25 -52.21 -4.00 26.76
N GLU A 26 -53.09 -3.90 25.76
CA GLU A 26 -53.01 -2.78 24.82
C GLU A 26 -53.04 -1.50 25.65
N LYS A 27 -53.37 -1.67 26.93
CA LYS A 27 -53.46 -0.58 27.89
C LYS A 27 -52.06 -0.25 28.41
N GLN A 28 -51.34 -1.29 28.85
CA GLN A 28 -49.98 -1.15 29.38
C GLN A 28 -49.11 -0.38 28.38
N SER A 29 -49.43 -0.56 27.10
CA SER A 29 -48.69 0.11 26.06
C SER A 29 -48.57 1.59 26.38
N VAL A 30 -49.65 2.34 26.14
CA VAL A 30 -49.71 3.79 26.36
C VAL A 30 -48.92 4.36 27.52
N GLU A 31 -48.98 3.71 28.68
CA GLU A 31 -48.21 4.18 29.83
C GLU A 31 -46.78 3.72 29.60
N LEU A 32 -46.62 2.51 29.07
CA LEU A 32 -45.28 2.04 28.81
C LEU A 32 -44.58 3.14 28.02
N ARG A 33 -45.11 3.48 26.85
CA ARG A 33 -44.57 4.54 26.02
C ARG A 33 -44.01 5.56 27.01
N ASP A 34 -44.86 6.01 27.93
CA ASP A 34 -44.46 6.98 28.96
C ASP A 34 -43.17 6.47 29.63
N GLN A 35 -43.28 5.39 30.43
CA GLN A 35 -42.13 4.82 31.14
C GLN A 35 -40.83 5.00 30.38
N LEU A 36 -40.88 4.84 29.06
CA LEU A 36 -39.68 5.03 28.25
C LEU A 36 -39.55 6.50 27.96
N MET A 37 -40.62 7.10 27.47
CA MET A 37 -40.59 8.54 27.17
C MET A 37 -40.04 9.20 28.42
N VAL A 38 -40.20 8.50 29.53
CA VAL A 38 -39.74 8.96 30.83
C VAL A 38 -38.24 8.69 30.90
N PHE A 39 -37.94 7.43 31.13
CA PHE A 39 -36.58 6.92 31.27
C PHE A 39 -35.57 7.71 30.47
N GLN A 40 -36.04 8.26 29.36
CA GLN A 40 -35.23 9.04 28.46
C GLN A 40 -35.12 10.47 28.97
N GLU A 41 -36.24 11.21 28.95
CA GLU A 41 -36.18 12.57 29.43
C GLU A 41 -35.49 12.49 30.78
N ARG A 42 -35.46 11.27 31.31
CA ARG A 42 -34.76 11.01 32.56
C ARG A 42 -33.31 10.99 32.13
N LEU A 43 -32.94 9.94 31.38
CA LEU A 43 -31.57 9.76 30.89
C LEU A 43 -30.88 11.05 30.49
N VAL A 44 -31.62 11.93 29.84
CA VAL A 44 -31.02 13.17 29.40
C VAL A 44 -30.53 13.98 30.58
N GLU A 45 -31.20 13.86 31.72
CA GLU A 45 -30.73 14.64 32.84
C GLU A 45 -29.53 14.00 33.53
N PHE A 46 -29.61 12.73 33.94
CA PHE A 46 -28.44 12.10 34.59
C PHE A 46 -27.21 12.56 33.80
N ALA A 47 -27.43 12.80 32.52
CA ALA A 47 -26.38 13.29 31.64
C ALA A 47 -26.38 14.80 31.78
N LYS A 48 -27.55 15.41 31.63
CA LYS A 48 -27.71 16.84 31.74
C LYS A 48 -26.86 17.42 32.87
N LYS A 49 -26.66 16.61 33.91
CA LYS A 49 -25.87 17.05 35.06
C LYS A 49 -24.38 16.92 34.81
N HIS A 50 -23.93 15.68 34.65
CA HIS A 50 -22.52 15.38 34.42
C HIS A 50 -21.98 15.92 33.10
N ASN A 51 -22.27 17.20 32.87
CA ASN A 51 -21.85 17.92 31.68
C ASN A 51 -20.38 17.70 31.37
N SER A 52 -19.59 17.32 32.37
CA SER A 52 -18.19 17.09 32.13
C SER A 52 -17.75 15.70 32.55
N GLU A 53 -18.43 15.13 33.54
CA GLU A 53 -18.08 13.77 33.96
C GLU A 53 -18.27 12.91 32.73
N LEU A 54 -18.93 13.48 31.73
CA LEU A 54 -19.13 12.79 30.48
C LEU A 54 -18.12 13.23 29.39
N GLN A 55 -17.74 14.51 29.39
CA GLN A 55 -16.85 15.12 28.42
C GLN A 55 -15.35 14.82 28.54
N ALA A 56 -14.89 14.32 29.67
CA ALA A 56 -13.46 14.09 29.85
C ALA A 56 -13.24 12.71 30.56
N SER A 57 -14.06 11.69 30.27
CA SER A 57 -14.00 10.41 31.01
C SER A 57 -14.55 9.04 30.43
N PRO A 58 -13.83 8.41 29.49
CA PRO A 58 -14.31 7.15 28.92
C PRO A 58 -15.27 6.23 29.63
N GLU A 59 -14.79 5.71 30.75
CA GLU A 59 -15.56 4.80 31.54
C GLU A 59 -16.96 5.38 31.68
N PHE A 60 -17.06 6.61 32.18
CA PHE A 60 -18.37 7.22 32.34
C PHE A 60 -19.11 7.23 31.01
N ARG A 61 -18.37 7.49 29.95
CA ARG A 61 -18.95 7.50 28.63
C ARG A 61 -19.64 6.13 28.52
N SER A 62 -18.87 5.10 28.21
CA SER A 62 -19.41 3.76 28.06
C SER A 62 -20.62 3.42 28.92
N LYS A 63 -20.45 3.47 30.24
CA LYS A 63 -21.58 3.14 31.09
C LYS A 63 -22.80 3.98 30.64
N PHE A 64 -22.68 5.30 30.58
CA PHE A 64 -23.82 6.12 30.18
C PHE A 64 -24.49 5.72 28.87
N MET A 65 -23.92 4.78 28.16
CA MET A 65 -24.50 4.37 26.90
C MET A 65 -25.06 2.97 26.96
N HIS A 66 -24.30 2.06 27.53
CA HIS A 66 -24.75 0.68 27.61
C HIS A 66 -26.15 0.62 28.24
N MET A 67 -26.66 1.79 28.63
CA MET A 67 -28.00 1.95 29.20
C MET A 67 -28.89 2.34 28.02
N CYS A 68 -28.65 3.54 27.51
CA CYS A 68 -29.39 4.12 26.40
C CYS A 68 -29.64 3.07 25.33
N SER A 69 -28.67 2.17 25.16
CA SER A 69 -28.78 1.12 24.15
C SER A 69 -29.81 0.04 24.54
N SER A 70 -29.86 -0.29 25.83
CA SER A 70 -30.78 -1.30 26.32
C SER A 70 -32.20 -0.83 26.05
N ILE A 71 -32.46 0.39 26.53
CA ILE A 71 -33.72 1.06 26.34
C ILE A 71 -33.88 1.22 24.84
N GLY A 72 -32.80 1.65 24.20
CA GLY A 72 -32.82 1.85 22.78
C GLY A 72 -33.01 3.32 22.47
N ILE A 73 -31.94 4.08 22.67
CA ILE A 73 -31.92 5.52 22.47
C ILE A 73 -30.50 5.87 22.07
N ASP A 74 -30.30 6.44 20.89
CA ASP A 74 -28.92 6.74 20.57
C ASP A 74 -28.39 7.85 21.42
N PRO A 75 -27.46 7.51 22.30
CA PRO A 75 -26.84 8.46 23.19
C PRO A 75 -26.47 9.72 22.45
N LEU A 76 -25.55 9.57 21.52
CA LEU A 76 -25.07 10.67 20.71
C LEU A 76 -26.21 11.67 20.45
N SER A 77 -27.45 11.20 20.55
CA SER A 77 -28.59 12.07 20.35
C SER A 77 -29.02 12.73 21.66
N LEU A 78 -29.15 11.96 22.76
CA LEU A 78 -29.54 12.56 24.03
C LEU A 78 -28.80 13.85 24.01
N PHE A 79 -27.49 13.73 23.85
CA PHE A 79 -26.63 14.88 23.76
C PHE A 79 -27.19 15.86 22.74
N ASP A 80 -28.33 16.45 23.06
CA ASP A 80 -28.97 17.41 22.17
C ASP A 80 -30.06 18.25 22.81
N ARG A 81 -30.95 17.64 23.58
CA ARG A 81 -32.01 18.41 24.20
C ARG A 81 -31.56 19.77 24.80
N ASP A 82 -30.29 19.89 25.20
CA ASP A 82 -29.78 21.15 25.77
C ASP A 82 -28.33 21.46 25.31
N LYS A 83 -28.16 22.54 24.54
CA LYS A 83 -26.85 23.00 24.00
C LYS A 83 -25.61 22.36 24.68
N HIS A 84 -25.53 22.50 26.00
CA HIS A 84 -24.41 22.02 26.80
C HIS A 84 -23.94 20.58 26.61
N LEU A 85 -24.82 19.68 26.17
CA LEU A 85 -24.40 18.30 25.96
C LEU A 85 -23.68 18.09 24.63
N PHE A 86 -23.76 19.12 23.78
CA PHE A 86 -23.19 19.10 22.45
C PHE A 86 -21.68 19.09 22.36
N THR A 87 -20.99 18.68 23.40
CA THR A 87 -19.56 18.63 23.27
C THR A 87 -19.20 17.22 23.55
N VAL A 88 -20.15 16.42 24.00
CA VAL A 88 -19.80 15.04 24.19
C VAL A 88 -19.61 14.60 22.72
N ASN A 89 -20.53 15.08 21.87
CA ASN A 89 -20.48 14.77 20.45
C ASN A 89 -19.24 15.33 19.79
N ASP A 90 -18.92 16.59 20.09
CA ASP A 90 -17.76 17.20 19.45
C ASP A 90 -16.65 16.19 19.57
N PHE A 91 -16.39 15.72 20.79
CA PHE A 91 -15.35 14.74 21.02
C PHE A 91 -15.51 13.53 20.16
N TYR A 92 -16.76 13.09 20.05
CA TYR A 92 -16.98 11.93 19.23
C TYR A 92 -16.54 12.31 17.81
N TYR A 93 -17.12 13.37 17.27
CA TYR A 93 -16.72 13.81 15.96
C TYR A 93 -15.20 13.99 15.95
N GLU A 94 -14.67 14.82 16.84
CA GLU A 94 -13.24 15.05 16.87
C GLU A 94 -12.48 13.74 16.65
N VAL A 95 -12.68 12.77 17.54
CA VAL A 95 -11.96 11.50 17.41
C VAL A 95 -12.12 10.90 16.04
N CYS A 96 -13.28 11.13 15.42
CA CYS A 96 -13.49 10.61 14.09
C CYS A 96 -12.38 11.15 13.24
N LEU A 97 -12.25 12.46 13.19
CA LEU A 97 -11.21 13.01 12.36
C LEU A 97 -9.85 12.44 12.65
N LYS A 98 -9.51 12.26 13.92
CA LYS A 98 -8.20 11.69 14.24
C LYS A 98 -8.04 10.35 13.50
N VAL A 99 -9.06 9.51 13.61
CA VAL A 99 -9.02 8.24 12.90
C VAL A 99 -8.84 8.50 11.42
N ILE A 100 -9.71 9.32 10.85
CA ILE A 100 -9.61 9.64 9.45
C ILE A 100 -8.16 9.93 9.20
N GLU A 101 -7.52 10.70 10.09
CA GLU A 101 -6.12 11.04 9.88
C GLU A 101 -5.11 9.98 10.27
N ILE A 102 -5.12 9.49 11.50
CA ILE A 102 -4.12 8.47 11.79
C ILE A 102 -4.11 7.47 10.62
N CYS A 103 -5.28 7.12 10.10
CA CYS A 103 -5.29 6.17 9.00
C CYS A 103 -4.40 6.62 7.85
N ARG A 104 -4.60 7.84 7.37
CA ARG A 104 -3.80 8.33 6.25
C ARG A 104 -2.36 8.43 6.64
N GLN A 105 -2.08 9.22 7.63
CA GLN A 105 -0.70 9.37 8.00
C GLN A 105 0.02 7.99 8.14
N THR A 106 -0.71 6.89 7.99
CA THR A 106 -0.05 5.58 8.13
C THR A 106 0.03 4.67 6.90
N LYS A 107 -0.90 4.88 5.97
CA LYS A 107 -1.00 4.10 4.75
C LYS A 107 0.27 3.43 4.29
N ASP A 108 1.41 3.95 4.69
CA ASP A 108 2.58 3.33 4.17
C ASP A 108 3.33 2.48 5.16
N MET A 109 3.25 2.86 6.42
CA MET A 109 3.94 2.10 7.43
C MET A 109 3.34 0.73 7.41
N ASN A 110 2.00 0.71 7.36
CA ASN A 110 1.20 -0.52 7.37
C ASN A 110 0.77 -0.93 5.96
N GLY A 111 -0.39 -0.52 5.48
CA GLY A 111 -0.71 -0.93 4.13
C GLY A 111 -2.08 -0.53 3.70
N GLY A 112 -2.74 0.12 4.65
CA GLY A 112 -4.11 0.58 4.50
C GLY A 112 -4.94 -0.29 5.42
N VAL A 113 -4.28 -0.96 6.35
CA VAL A 113 -4.91 -1.87 7.32
C VAL A 113 -4.34 -1.50 8.68
N ILE A 114 -5.17 -1.49 9.72
CA ILE A 114 -4.68 -1.08 11.03
C ILE A 114 -5.23 -1.81 12.27
N SER A 115 -4.35 -2.13 13.22
CA SER A 115 -4.81 -2.82 14.42
C SER A 115 -5.60 -1.87 15.35
N PHE A 116 -6.78 -2.28 15.80
CA PHE A 116 -7.53 -1.41 16.69
C PHE A 116 -6.63 -1.04 17.86
N GLN A 117 -5.78 -1.99 18.26
CA GLN A 117 -4.82 -1.83 19.37
C GLN A 117 -4.06 -0.54 19.14
N GLU A 118 -3.22 -0.57 18.12
CA GLU A 118 -2.45 0.59 17.73
C GLU A 118 -3.37 1.80 17.87
N LEU A 119 -4.41 1.87 17.04
CA LEU A 119 -5.36 2.98 17.11
C LEU A 119 -5.61 3.39 18.54
N GLU A 120 -5.89 2.38 19.35
CA GLU A 120 -6.18 2.55 20.77
C GLU A 120 -4.93 2.84 21.55
N LYS A 121 -4.20 1.78 21.86
CA LYS A 121 -3.01 1.92 22.66
C LYS A 121 -1.76 2.48 22.03
N VAL A 122 -1.93 3.48 21.17
CA VAL A 122 -0.80 4.17 20.54
C VAL A 122 -1.16 5.58 20.16
N HIS A 123 -1.96 5.74 19.11
CA HIS A 123 -2.34 7.07 18.65
C HIS A 123 -3.38 7.78 19.50
N PHE A 124 -4.01 7.06 20.42
CA PHE A 124 -5.02 7.69 21.23
C PHE A 124 -4.77 7.77 22.73
N ARG A 125 -3.62 8.33 23.10
CA ARG A 125 -3.23 8.53 24.49
C ARG A 125 -3.15 10.05 24.59
N LYS A 126 -2.74 10.62 23.46
CA LYS A 126 -2.57 12.05 23.22
C LYS A 126 -3.84 12.83 23.59
N LEU A 127 -4.99 12.17 23.51
CA LEU A 127 -6.26 12.83 23.81
C LEU A 127 -7.15 12.00 24.75
N ASN A 128 -6.63 10.91 25.30
CA ASN A 128 -7.43 10.06 26.19
C ASN A 128 -8.84 9.82 25.66
N VAL A 129 -8.97 8.75 24.89
CA VAL A 129 -10.23 8.28 24.33
C VAL A 129 -9.97 6.83 24.56
N GLY A 130 -10.97 5.98 24.46
CA GLY A 130 -10.71 4.58 24.75
C GLY A 130 -11.50 3.64 23.90
N LEU A 131 -11.04 2.41 23.84
CA LEU A 131 -11.65 1.43 22.96
C LEU A 131 -13.09 1.64 22.60
N ASP A 132 -13.95 1.67 23.61
CA ASP A 132 -15.37 1.84 23.31
C ASP A 132 -15.50 3.12 22.50
N ASP A 133 -14.96 4.23 22.99
CA ASP A 133 -15.00 5.49 22.25
C ASP A 133 -14.65 5.27 20.78
N LEU A 134 -13.35 5.09 20.54
CA LEU A 134 -12.82 4.83 19.21
C LEU A 134 -13.84 4.01 18.44
N GLU A 135 -14.07 2.80 18.93
CA GLU A 135 -15.00 1.89 18.30
C GLU A 135 -16.20 2.61 17.69
N LYS A 136 -17.03 3.27 18.48
CA LYS A 136 -18.18 3.96 17.88
C LYS A 136 -17.75 4.89 16.76
N SER A 137 -16.85 5.81 17.08
CA SER A 137 -16.36 6.75 16.09
C SER A 137 -16.21 6.03 14.77
N ILE A 138 -15.50 4.92 14.81
CA ILE A 138 -15.32 4.16 13.60
C ILE A 138 -16.69 3.88 12.97
N ASP A 139 -17.68 3.45 13.75
CA ASP A 139 -19.03 3.18 13.25
C ASP A 139 -19.51 4.48 12.61
N MET A 140 -19.37 5.56 13.36
CA MET A 140 -19.78 6.87 12.88
C MET A 140 -19.52 6.94 11.38
N LEU A 141 -18.23 6.89 11.07
CA LEU A 141 -17.69 6.95 9.72
C LEU A 141 -18.37 6.10 8.65
N LYS A 142 -18.81 4.91 9.00
CA LYS A 142 -19.49 4.09 8.02
C LYS A 142 -20.32 5.02 7.11
N SER A 143 -20.62 6.22 7.58
CA SER A 143 -21.43 7.14 6.80
C SER A 143 -20.63 7.70 5.63
N LEU A 144 -19.37 8.01 5.88
CA LEU A 144 -18.52 8.52 4.82
C LEU A 144 -18.31 7.39 3.85
N GLU A 145 -18.74 6.19 4.24
CA GLU A 145 -18.65 5.02 3.37
C GLU A 145 -17.21 4.78 2.92
N CYS A 146 -16.22 4.78 3.82
CA CYS A 146 -14.84 4.59 3.32
C CYS A 146 -13.94 3.54 3.93
N PHE A 147 -14.02 3.30 5.24
CA PHE A 147 -13.16 2.27 5.81
C PHE A 147 -13.94 1.02 5.93
N GLU A 148 -13.23 -0.06 6.26
CA GLU A 148 -13.88 -1.33 6.50
C GLU A 148 -13.16 -2.02 7.65
N ILE A 149 -13.90 -2.83 8.40
CA ILE A 149 -13.29 -3.52 9.53
C ILE A 149 -13.21 -4.99 9.21
N PHE A 150 -12.19 -5.66 9.72
CA PHE A 150 -12.05 -7.10 9.47
C PHE A 150 -11.23 -7.58 10.61
N GLN A 151 -11.38 -8.84 10.98
CA GLN A 151 -10.59 -9.31 12.11
C GLN A 151 -9.79 -10.55 11.85
N ILE A 152 -8.57 -10.48 12.36
CA ILE A 152 -7.66 -11.55 12.22
C ILE A 152 -7.61 -12.15 13.59
N ARG A 153 -8.11 -13.38 13.68
CA ARG A 153 -8.11 -14.08 14.94
C ARG A 153 -8.80 -13.33 16.07
N GLY A 154 -9.85 -12.58 15.75
CA GLY A 154 -10.59 -11.86 16.78
C GLY A 154 -9.98 -10.58 17.27
N LYS A 155 -9.14 -9.99 16.43
CA LYS A 155 -8.49 -8.74 16.75
C LYS A 155 -9.05 -7.84 15.60
N LYS A 156 -9.68 -6.71 15.94
CA LYS A 156 -10.26 -5.86 14.90
C LYS A 156 -9.24 -4.96 14.27
N PHE A 157 -9.31 -4.86 12.96
CA PHE A 157 -8.44 -4.03 12.16
C PHE A 157 -9.40 -3.14 11.39
N LEU A 158 -8.95 -1.98 10.98
CA LEU A 158 -9.75 -1.05 10.19
C LEU A 158 -8.97 -0.93 8.85
N ARG A 159 -9.61 -0.95 7.68
CA ARG A 159 -8.88 -0.88 6.39
C ARG A 159 -8.96 0.39 5.52
N SER A 160 -7.95 1.25 5.62
CA SER A 160 -7.85 2.53 4.91
C SER A 160 -7.98 2.40 3.42
N VAL A 161 -7.39 1.35 2.90
CA VAL A 161 -7.38 1.17 1.48
C VAL A 161 -8.56 0.48 0.95
N PRO A 162 -8.74 0.53 -0.36
CA PRO A 162 -9.77 -0.02 -1.24
C PRO A 162 -9.87 -1.51 -1.34
N ASN A 163 -8.73 -2.17 -1.43
CA ASN A 163 -8.73 -3.61 -1.60
C ASN A 163 -9.08 -4.47 -0.39
N GLU A 164 -9.76 -5.59 -0.62
CA GLU A 164 -10.11 -6.48 0.49
C GLU A 164 -8.79 -7.22 0.67
N LEU A 165 -8.38 -7.53 1.90
CA LEU A 165 -7.13 -8.30 2.03
C LEU A 165 -7.63 -9.57 1.33
N THR A 166 -6.83 -10.60 1.10
CA THR A 166 -7.50 -11.71 0.41
C THR A 166 -8.16 -12.61 1.39
N SER A 167 -8.61 -13.76 0.85
CA SER A 167 -9.24 -14.84 1.62
C SER A 167 -8.03 -15.63 2.08
N ASP A 168 -6.95 -15.34 1.37
CA ASP A 168 -5.69 -15.95 1.61
C ASP A 168 -4.92 -15.02 2.53
N GLN A 169 -4.51 -13.89 1.97
CA GLN A 169 -3.75 -12.88 2.69
C GLN A 169 -4.12 -12.87 4.17
N THR A 170 -5.40 -13.00 4.46
CA THR A 170 -5.85 -13.02 5.85
C THR A 170 -4.97 -13.97 6.57
N LYS A 171 -5.14 -15.24 6.20
CA LYS A 171 -4.39 -16.33 6.78
C LYS A 171 -2.95 -15.95 7.04
N ILE A 172 -2.22 -15.63 6.00
CA ILE A 172 -0.83 -15.25 6.16
C ILE A 172 -0.77 -14.28 7.32
N LEU A 173 -1.63 -13.27 7.25
CA LEU A 173 -1.72 -12.26 8.26
C LEU A 173 -2.11 -12.96 9.58
N GLU A 174 -3.10 -13.84 9.46
CA GLU A 174 -3.62 -14.65 10.57
C GLU A 174 -2.52 -15.47 11.22
N ILE A 175 -1.82 -16.20 10.38
CA ILE A 175 -0.76 -17.07 10.81
C ILE A 175 0.45 -16.30 11.20
N CYS A 176 0.31 -14.98 11.28
CA CYS A 176 1.46 -14.20 11.67
C CYS A 176 1.38 -13.94 13.14
N SER A 177 0.18 -13.69 13.60
CA SER A 177 -0.09 -13.47 15.01
C SER A 177 0.78 -14.22 16.05
N ILE A 178 1.31 -15.39 15.68
CA ILE A 178 2.12 -16.21 16.59
C ILE A 178 3.39 -15.59 17.12
N LEU A 179 4.33 -15.27 16.22
CA LEU A 179 5.61 -14.62 16.56
C LEU A 179 5.88 -13.42 15.64
N GLY A 180 4.94 -13.15 14.76
CA GLY A 180 5.04 -12.02 13.86
C GLY A 180 5.48 -12.22 12.43
N TYR A 181 5.71 -13.44 12.00
CA TYR A 181 6.19 -13.52 10.63
C TYR A 181 5.94 -14.76 9.81
N SER A 182 4.85 -14.81 9.08
CA SER A 182 4.64 -15.96 8.24
C SER A 182 5.94 -16.11 7.41
N SER A 183 6.23 -17.34 6.99
CA SER A 183 7.44 -17.67 6.21
C SER A 183 7.09 -18.71 5.15
N ILE A 184 8.05 -19.02 4.29
CA ILE A 184 7.74 -20.00 3.26
C ILE A 184 7.48 -21.38 3.88
N SER A 185 8.27 -21.70 4.90
CA SER A 185 8.13 -22.97 5.60
C SER A 185 6.96 -22.82 6.55
N LEU A 186 7.07 -21.92 7.52
CA LEU A 186 6.00 -21.73 8.48
C LEU A 186 4.64 -21.90 7.90
N LEU A 187 4.52 -21.60 6.62
CA LEU A 187 3.27 -21.75 5.92
C LEU A 187 3.03 -23.22 5.55
N LYS A 188 3.90 -23.85 4.76
CA LYS A 188 3.70 -25.28 4.41
C LYS A 188 3.34 -25.99 5.71
N ALA A 189 4.33 -25.99 6.60
CA ALA A 189 4.24 -26.58 7.92
C ALA A 189 2.91 -26.41 8.64
N ASN A 190 2.73 -25.23 9.21
CA ASN A 190 1.55 -24.94 10.00
C ASN A 190 0.24 -24.83 9.30
N LEU A 191 0.24 -24.90 7.98
CA LEU A 191 -1.00 -24.68 7.29
C LEU A 191 -1.28 -25.63 6.20
N GLY A 192 -0.24 -26.35 5.80
CA GLY A 192 -0.40 -27.34 4.77
C GLY A 192 -0.62 -26.61 3.48
N TRP A 193 -0.16 -25.37 3.54
CA TRP A 193 -0.23 -24.48 2.42
C TRP A 193 0.94 -25.03 1.60
N GLU A 194 0.75 -25.17 0.30
CA GLU A 194 1.79 -25.68 -0.58
C GLU A 194 3.08 -24.84 -0.38
N ALA A 195 3.87 -24.63 -1.43
CA ALA A 195 5.12 -23.88 -1.29
C ALA A 195 5.36 -22.80 -2.34
N VAL A 196 4.67 -22.90 -3.46
CA VAL A 196 4.79 -21.93 -4.53
C VAL A 196 3.66 -21.02 -4.18
N ARG A 197 2.46 -21.62 -4.17
CA ARG A 197 1.22 -20.96 -3.82
C ARG A 197 1.45 -20.47 -2.42
N SER A 198 2.66 -19.99 -2.17
CA SER A 198 3.05 -19.47 -0.87
C SER A 198 3.97 -18.27 -1.07
N LYS A 199 5.22 -18.46 -1.51
CA LYS A 199 6.13 -17.34 -1.78
C LYS A 199 5.19 -16.50 -2.61
N SER A 200 4.83 -17.03 -3.77
CA SER A 200 3.92 -16.35 -4.68
C SER A 200 2.91 -15.50 -3.94
N ALA A 201 2.09 -16.14 -3.13
CA ALA A 201 1.07 -15.43 -2.37
C ALA A 201 1.64 -14.47 -1.29
N LEU A 202 2.82 -14.80 -0.80
CA LEU A 202 3.48 -14.01 0.22
C LEU A 202 4.06 -12.71 -0.32
N ASP A 203 4.63 -12.74 -1.51
CA ASP A 203 5.23 -11.54 -2.07
C ASP A 203 4.21 -10.51 -2.52
N GLU A 204 3.09 -10.94 -3.10
CA GLU A 204 2.13 -9.96 -3.50
C GLU A 204 1.89 -9.22 -2.23
N MET A 205 1.81 -9.94 -1.13
CA MET A 205 1.58 -9.23 0.11
C MET A 205 2.66 -8.17 0.35
N VAL A 206 3.77 -8.23 -0.37
CA VAL A 206 4.78 -7.19 -0.15
C VAL A 206 4.60 -6.15 -1.24
N ALA A 207 4.31 -6.55 -2.46
CA ALA A 207 4.11 -5.52 -3.47
C ALA A 207 2.98 -4.61 -3.01
N ASN A 208 1.94 -5.20 -2.43
CA ASN A 208 0.84 -4.41 -1.96
C ASN A 208 1.18 -3.68 -0.66
N GLY A 209 2.40 -3.92 -0.21
CA GLY A 209 2.92 -3.28 1.00
C GLY A 209 2.23 -3.46 2.33
N LEU A 210 1.68 -4.66 2.57
CA LEU A 210 0.97 -5.00 3.81
C LEU A 210 1.89 -5.56 4.85
N LEU A 211 2.91 -6.31 4.44
CA LEU A 211 3.85 -6.81 5.41
C LEU A 211 5.23 -6.48 4.90
N TRP A 212 6.14 -6.30 5.85
CA TRP A 212 7.52 -5.97 5.60
C TRP A 212 8.34 -7.25 5.45
N ILE A 213 9.15 -7.31 4.40
CA ILE A 213 10.05 -8.45 4.08
C ILE A 213 11.26 -8.42 5.00
N ASP A 214 12.02 -9.50 5.07
CA ASP A 214 13.16 -9.49 5.96
C ASP A 214 14.09 -10.63 5.66
N TYR A 215 15.24 -10.26 5.14
CA TYR A 215 16.27 -11.18 4.71
C TYR A 215 17.26 -11.60 5.80
N GLN A 216 17.33 -10.83 6.88
CA GLN A 216 18.25 -11.06 7.99
C GLN A 216 17.83 -12.11 8.98
N GLY A 217 17.78 -13.37 8.59
CA GLY A 217 17.36 -14.38 9.56
C GLY A 217 17.12 -15.77 9.01
N GLY A 218 18.10 -16.29 8.28
CA GLY A 218 17.94 -17.62 7.77
C GLY A 218 18.02 -17.59 6.30
N ALA A 219 17.95 -18.78 5.72
CA ALA A 219 18.00 -18.93 4.28
C ALA A 219 16.65 -18.46 3.77
N GLU A 220 15.64 -18.74 4.58
CA GLU A 220 14.27 -18.39 4.26
C GLU A 220 14.02 -16.92 4.58
N ALA A 221 13.25 -16.28 3.74
CA ALA A 221 12.91 -14.90 3.94
C ALA A 221 11.77 -14.78 4.92
N LEU A 222 11.81 -13.79 5.78
CA LEU A 222 10.72 -13.62 6.73
C LEU A 222 9.85 -12.43 6.34
N TYR A 223 8.53 -12.62 6.43
CA TYR A 223 7.54 -11.60 6.09
C TYR A 223 6.84 -11.15 7.36
N TRP A 224 6.80 -9.85 7.65
CA TRP A 224 6.21 -9.42 8.91
C TRP A 224 4.97 -8.61 8.96
N ASP A 225 4.45 -8.52 10.16
CA ASP A 225 3.26 -7.77 10.32
C ASP A 225 3.58 -6.49 11.00
N PRO A 226 3.33 -5.39 10.32
CA PRO A 226 3.60 -4.09 10.90
C PRO A 226 3.14 -4.16 12.34
N SER A 227 1.96 -4.73 12.53
CA SER A 227 1.37 -4.84 13.85
C SER A 227 2.09 -5.69 14.87
N TRP A 228 2.78 -6.75 14.44
CA TRP A 228 3.47 -7.61 15.43
C TRP A 228 4.13 -6.70 16.42
N ILE A 229 4.38 -5.52 15.89
CA ILE A 229 5.02 -4.41 16.54
C ILE A 229 4.29 -3.79 17.73
N THR A 230 3.01 -3.51 17.55
CA THR A 230 2.32 -2.89 18.64
C THR A 230 1.71 -3.84 19.62
N ARG A 231 2.07 -5.11 19.55
CA ARG A 231 1.60 -6.10 20.52
C ARG A 231 1.82 -5.37 21.86
N GLN A 232 0.74 -4.92 22.50
CA GLN A 232 0.81 -4.14 23.75
C GLN A 232 -0.13 -4.64 24.87
N LEU B 1 -22.06 32.96 9.81
CA LEU B 1 -21.13 33.14 10.96
C LEU B 1 -21.76 32.66 12.26
N ASP B 2 -22.62 31.65 12.15
CA ASP B 2 -23.33 31.13 13.32
C ASP B 2 -23.01 29.69 13.76
N ARG B 3 -22.92 29.51 15.08
CA ARG B 3 -22.61 28.23 15.70
C ARG B 3 -23.75 27.25 15.47
N GLU B 4 -23.48 25.96 15.59
CA GLU B 4 -24.50 24.90 15.42
C GLU B 4 -25.54 25.23 16.52
N LYS B 5 -26.32 26.31 16.32
CA LYS B 5 -27.38 26.76 17.25
C LYS B 5 -28.43 27.59 16.47
N PHE B 6 -29.17 26.77 15.73
CA PHE B 6 -30.29 27.05 14.86
C PHE B 6 -31.36 26.22 15.55
N LEU B 7 -32.55 26.08 15.00
CA LEU B 7 -33.52 25.30 15.75
C LEU B 7 -34.19 24.20 15.00
N ASN B 8 -34.64 24.49 13.79
CA ASN B 8 -35.31 23.48 12.98
C ASN B 8 -34.25 22.86 12.05
N LYS B 9 -33.77 21.72 12.55
CA LYS B 9 -32.72 20.86 12.00
C LYS B 9 -32.40 20.83 10.53
N GLU B 10 -33.37 20.46 9.70
CA GLU B 10 -33.17 20.38 8.25
C GLU B 10 -32.98 21.74 7.59
N LEU B 11 -32.27 22.60 8.30
CA LEU B 11 -31.97 23.93 7.82
C LEU B 11 -30.49 23.92 7.93
N PHE B 12 -30.08 23.79 9.19
CA PHE B 12 -28.68 23.68 9.54
C PHE B 12 -28.03 22.83 8.49
N LEU B 13 -28.73 21.82 8.06
CA LEU B 13 -28.21 20.99 7.00
C LEU B 13 -28.27 21.88 5.77
N ASP B 14 -29.46 21.98 5.17
CA ASP B 14 -29.67 22.80 3.98
C ASP B 14 -28.54 23.81 3.96
N GLU B 15 -28.44 24.57 5.03
CA GLU B 15 -27.40 25.58 5.17
C GLU B 15 -26.01 25.01 5.15
N ILE B 16 -25.75 24.14 6.12
CA ILE B 16 -24.47 23.51 6.26
C ILE B 16 -24.07 22.97 4.87
N ALA B 17 -25.06 22.50 4.12
CA ALA B 17 -24.84 22.01 2.77
C ALA B 17 -24.23 23.15 1.98
N ARG B 18 -24.91 24.29 2.05
CA ARG B 18 -24.44 25.47 1.39
C ARG B 18 -22.99 25.72 1.81
N GLU B 19 -22.71 25.89 3.09
CA GLU B 19 -21.34 26.19 3.48
C GLU B 19 -20.29 25.31 2.78
N ILE B 20 -20.55 24.01 2.76
CA ILE B 20 -19.61 23.07 2.18
C ILE B 20 -19.43 23.32 0.69
N TYR B 21 -20.55 23.37 -0.03
CA TYR B 21 -20.55 23.63 -1.46
C TYR B 21 -19.60 24.77 -1.75
N GLU B 22 -19.48 25.70 -0.83
CA GLU B 22 -18.57 26.78 -1.12
C GLU B 22 -17.19 26.31 -0.75
N PHE B 23 -17.01 25.86 0.48
CA PHE B 23 -15.68 25.41 0.84
C PHE B 23 -15.05 24.64 -0.28
N THR B 24 -15.86 23.81 -0.92
CA THR B 24 -15.37 23.02 -2.03
C THR B 24 -15.03 23.87 -3.24
N LEU B 25 -15.97 24.68 -3.72
CA LEU B 25 -15.70 25.51 -4.89
C LEU B 25 -14.61 26.52 -4.68
N SER B 26 -14.47 26.92 -3.43
CA SER B 26 -13.46 27.87 -3.03
C SER B 26 -12.08 27.24 -3.15
N GLU B 27 -12.04 26.01 -3.61
CA GLU B 27 -10.78 25.32 -3.70
C GLU B 27 -10.34 24.87 -5.09
N PHE B 28 -10.67 25.66 -6.12
CA PHE B 28 -10.23 25.29 -7.47
C PHE B 28 -10.53 26.12 -8.74
N LYS B 29 -11.79 26.42 -9.01
CA LYS B 29 -12.19 27.17 -10.21
C LYS B 29 -11.52 28.51 -10.39
N ASP B 30 -11.01 29.07 -9.29
CA ASP B 30 -10.31 30.35 -9.26
C ASP B 30 -9.59 30.70 -10.57
N LEU B 31 -8.85 29.72 -11.12
CA LEU B 31 -8.08 29.87 -12.36
C LEU B 31 -8.74 30.74 -13.44
N ASN B 32 -7.89 31.45 -14.19
CA ASN B 32 -8.31 32.31 -15.28
C ASN B 32 -9.11 31.47 -16.29
N SER B 33 -8.45 30.44 -16.82
CA SER B 33 -9.03 29.52 -17.80
C SER B 33 -9.81 28.35 -17.18
N ASP B 34 -11.00 28.10 -17.71
CA ASP B 34 -11.87 27.03 -17.20
C ASP B 34 -11.91 25.74 -18.01
N THR B 35 -11.40 24.69 -17.38
CA THR B 35 -11.34 23.36 -17.97
C THR B 35 -11.05 22.39 -16.83
N ASN B 36 -10.72 22.97 -15.68
CA ASN B 36 -10.40 22.22 -14.48
C ASN B 36 -11.63 21.54 -13.84
N TYR B 37 -11.36 20.64 -12.90
CA TYR B 37 -12.41 19.88 -12.22
C TYR B 37 -11.83 19.50 -10.87
N MET B 38 -12.67 18.94 -9.99
CA MET B 38 -12.19 18.46 -8.71
C MET B 38 -13.04 17.26 -8.48
N ILE B 39 -12.41 16.11 -8.41
CA ILE B 39 -13.16 14.94 -8.08
C ILE B 39 -12.56 14.84 -6.71
N ILE B 40 -13.36 14.41 -5.74
CA ILE B 40 -12.88 14.26 -4.40
C ILE B 40 -13.68 13.28 -3.58
N THR B 41 -12.92 12.41 -2.92
CA THR B 41 -13.38 11.35 -2.06
C THR B 41 -14.03 12.03 -0.87
N LEU B 42 -15.23 11.60 -0.49
CA LEU B 42 -15.95 12.25 0.63
C LEU B 42 -15.12 12.40 1.85
N VAL B 43 -14.66 11.27 2.37
CA VAL B 43 -13.88 11.29 3.58
C VAL B 43 -12.84 12.34 3.71
N ASP B 44 -12.28 12.77 2.60
CA ASP B 44 -11.24 13.77 2.67
C ASP B 44 -11.84 15.17 2.63
N LEU B 45 -12.79 15.37 1.70
CA LEU B 45 -13.50 16.66 1.61
C LEU B 45 -14.29 16.68 2.89
N TYR B 46 -13.68 16.18 3.96
CA TYR B 46 -14.37 16.13 5.22
C TYR B 46 -13.43 16.54 6.28
N ALA B 47 -12.19 16.08 6.22
CA ALA B 47 -11.31 16.50 7.27
C ALA B 47 -10.89 17.86 6.77
N MET B 48 -11.02 18.06 5.47
CA MET B 48 -10.68 19.35 4.87
C MET B 48 -11.74 20.35 5.35
N TYR B 49 -12.98 20.10 4.96
CA TYR B 49 -14.08 20.99 5.31
C TYR B 49 -14.09 21.42 6.75
N ASN B 50 -13.84 20.48 7.65
CA ASN B 50 -13.85 20.79 9.06
C ASN B 50 -12.59 21.48 9.48
N LYS B 51 -11.50 20.73 9.59
CA LYS B 51 -10.23 21.30 10.05
C LYS B 51 -10.07 22.71 9.56
N SER B 52 -10.59 22.94 8.36
CA SER B 52 -10.52 24.26 7.76
C SER B 52 -11.68 25.10 8.22
N MET B 53 -12.49 25.49 7.26
CA MET B 53 -13.66 26.32 7.46
C MET B 53 -14.70 25.90 8.53
N ARG B 54 -14.29 25.41 9.70
CA ARG B 54 -15.30 25.04 10.71
C ARG B 54 -14.87 24.43 12.06
N ILE B 55 -13.79 24.95 12.65
CA ILE B 55 -13.26 24.49 13.95
C ILE B 55 -13.90 25.27 15.08
N GLY B 56 -14.31 26.49 14.76
CA GLY B 56 -14.95 27.37 15.73
C GLY B 56 -16.43 27.53 15.45
N THR B 57 -16.80 27.51 14.17
CA THR B 57 -18.18 27.64 13.72
C THR B 57 -19.08 26.54 14.22
N GLY B 58 -18.48 25.43 14.65
CA GLY B 58 -19.24 24.28 15.12
C GLY B 58 -18.86 23.04 14.32
N LEU B 59 -17.96 22.23 14.86
CA LEU B 59 -17.52 21.04 14.18
C LEU B 59 -18.65 20.05 13.95
N ILE B 60 -18.73 19.42 12.77
CA ILE B 60 -19.80 18.42 12.49
C ILE B 60 -19.43 16.96 12.23
N SER B 61 -20.41 16.10 12.46
CA SER B 61 -20.25 14.67 12.29
C SER B 61 -20.38 14.30 10.85
N PRO B 62 -19.89 13.10 10.48
CA PRO B 62 -19.90 12.53 9.13
C PRO B 62 -21.32 12.44 8.57
N MET B 63 -22.22 11.81 9.32
CA MET B 63 -23.59 11.64 8.84
C MET B 63 -24.04 12.98 8.31
N GLU B 64 -23.80 14.03 9.10
CA GLU B 64 -24.20 15.39 8.73
C GLU B 64 -23.64 15.79 7.38
N MET B 65 -22.30 15.74 7.29
CA MET B 65 -21.52 16.04 6.08
C MET B 65 -22.19 15.41 4.92
N ARG B 66 -22.44 14.13 5.07
CA ARG B 66 -23.12 13.38 4.04
C ARG B 66 -24.46 14.03 3.87
N GLU B 67 -25.31 13.92 4.88
CA GLU B 67 -26.63 14.52 4.75
C GLU B 67 -26.51 15.82 4.01
N ALA B 68 -25.70 16.72 4.52
CA ALA B 68 -25.47 17.99 3.87
C ALA B 68 -25.18 17.83 2.37
N CYS B 69 -23.97 17.35 2.10
CA CYS B 69 -23.50 17.15 0.75
C CYS B 69 -24.55 16.52 -0.10
N GLU B 70 -25.36 15.63 0.44
CA GLU B 70 -26.33 15.00 -0.45
C GLU B 70 -27.38 15.96 -0.95
N ARG B 71 -27.39 17.18 -0.40
CA ARG B 71 -28.38 18.19 -0.77
C ARG B 71 -28.12 19.09 -1.99
N PHE B 72 -26.86 19.44 -2.24
CA PHE B 72 -26.48 20.29 -3.37
C PHE B 72 -27.56 20.39 -4.44
N GLU B 73 -27.79 19.30 -5.13
CA GLU B 73 -28.80 19.25 -6.18
C GLU B 73 -29.97 20.12 -5.75
N HIS B 74 -30.83 19.52 -4.94
CA HIS B 74 -32.02 20.15 -4.42
C HIS B 74 -31.89 21.65 -4.12
N LEU B 75 -30.76 22.09 -3.57
CA LEU B 75 -30.59 23.51 -3.24
C LEU B 75 -30.18 24.38 -4.39
N GLY B 76 -30.19 23.84 -5.60
CA GLY B 76 -29.83 24.62 -6.76
C GLY B 76 -28.36 24.95 -6.79
N LEU B 77 -27.63 24.06 -6.15
CA LEU B 77 -26.19 24.13 -6.06
C LEU B 77 -25.79 23.14 -7.14
N ASN B 78 -25.53 23.62 -8.35
CA ASN B 78 -25.23 22.65 -9.40
C ASN B 78 -23.85 22.68 -9.98
N GLU B 79 -22.83 22.56 -9.15
CA GLU B 79 -21.48 22.58 -9.68
C GLU B 79 -20.71 21.37 -9.20
N LEU B 80 -21.34 20.57 -8.35
CA LEU B 80 -20.73 19.37 -7.80
C LEU B 80 -21.85 18.42 -7.44
N LYS B 81 -21.58 17.12 -7.44
CA LYS B 81 -22.59 16.12 -7.05
C LYS B 81 -21.87 15.06 -6.24
N LEU B 82 -22.65 14.32 -5.45
CA LEU B 82 -22.11 13.25 -4.63
C LEU B 82 -22.50 12.06 -5.42
N VAL B 83 -21.68 11.03 -5.45
CA VAL B 83 -22.06 9.89 -6.25
C VAL B 83 -21.32 8.65 -5.87
N LYS B 84 -22.02 7.53 -5.86
CA LYS B 84 -21.35 6.29 -5.58
C LYS B 84 -20.94 5.92 -6.99
N VAL B 85 -19.73 5.42 -7.10
CA VAL B 85 -19.14 5.03 -8.37
C VAL B 85 -18.82 3.55 -8.13
N ASN B 86 -19.18 2.70 -9.09
CA ASN B 86 -18.99 1.25 -8.93
C ASN B 86 -19.90 1.16 -7.76
N LYS B 87 -19.40 0.58 -6.70
CA LYS B 87 -20.21 0.51 -5.54
C LYS B 87 -19.22 0.74 -4.45
N ARG B 88 -18.02 1.17 -4.81
CA ARG B 88 -17.05 1.44 -3.77
C ARG B 88 -16.61 2.87 -3.67
N ILE B 89 -16.48 3.56 -4.79
CA ILE B 89 -16.02 4.95 -4.74
C ILE B 89 -17.04 5.94 -4.22
N LEU B 90 -16.80 6.58 -3.09
CA LEU B 90 -17.79 7.58 -2.72
C LEU B 90 -17.21 8.96 -2.82
N CYS B 91 -17.79 9.74 -3.70
CA CYS B 91 -17.28 11.05 -3.88
C CYS B 91 -18.25 12.04 -4.45
N VAL B 92 -17.88 13.29 -4.25
CA VAL B 92 -18.55 14.49 -4.73
C VAL B 92 -17.57 14.89 -5.80
N THR B 93 -18.07 15.15 -7.00
CA THR B 93 -17.16 15.51 -8.06
C THR B 93 -17.69 16.68 -8.87
N SER B 94 -16.95 17.06 -9.89
CA SER B 94 -17.30 18.18 -10.74
C SER B 94 -17.51 17.82 -12.21
N GLU B 95 -17.34 16.54 -12.55
CA GLU B 95 -17.52 16.04 -13.93
C GLU B 95 -18.15 14.67 -13.88
N LYS B 96 -18.43 14.06 -15.04
CA LYS B 96 -19.01 12.69 -15.08
C LYS B 96 -17.87 11.82 -14.52
N PHE B 97 -18.15 10.71 -13.83
CA PHE B 97 -16.99 10.02 -13.28
C PHE B 97 -15.98 9.67 -14.35
N ASP B 98 -16.50 9.00 -15.36
CA ASP B 98 -15.76 8.48 -16.49
C ASP B 98 -14.78 9.45 -17.12
N VAL B 99 -15.31 10.61 -17.43
CA VAL B 99 -14.56 11.67 -18.05
C VAL B 99 -13.41 12.17 -17.21
N VAL B 100 -13.30 11.61 -16.03
CA VAL B 100 -12.20 11.96 -15.17
C VAL B 100 -11.31 10.76 -15.21
N LYS B 101 -11.93 9.59 -15.23
CA LYS B 101 -11.15 8.36 -15.26
C LYS B 101 -10.36 8.57 -16.52
N GLU B 102 -11.09 8.86 -17.58
CA GLU B 102 -10.49 9.10 -18.88
C GLU B 102 -9.22 9.94 -18.73
N LYS B 103 -9.40 11.19 -18.36
CA LYS B 103 -8.23 12.04 -18.25
C LYS B 103 -7.07 11.35 -17.50
N LEU B 104 -7.35 10.40 -16.61
CA LEU B 104 -6.23 9.76 -15.91
C LEU B 104 -5.56 8.83 -16.86
N VAL B 105 -6.32 7.82 -17.25
CA VAL B 105 -5.85 6.85 -18.21
C VAL B 105 -4.96 7.61 -19.16
N ASP B 106 -5.64 8.32 -20.04
CA ASP B 106 -4.95 9.07 -21.06
C ASP B 106 -3.63 9.60 -20.59
N LEU B 107 -3.58 10.27 -19.44
CA LEU B 107 -2.30 10.81 -18.97
C LEU B 107 -1.35 9.74 -18.54
N ILE B 108 -1.88 8.75 -17.84
CA ILE B 108 -1.02 7.67 -17.43
C ILE B 108 -0.40 7.26 -18.74
N GLY B 109 -1.27 6.90 -19.68
CA GLY B 109 -0.82 6.52 -21.00
C GLY B 109 0.39 7.34 -21.39
N ASP B 110 0.25 8.64 -21.56
CA ASP B 110 1.40 9.45 -21.94
C ASP B 110 2.64 9.12 -21.12
N ASN B 111 2.60 9.14 -19.80
CA ASN B 111 3.82 8.76 -19.10
C ASN B 111 3.60 7.34 -18.66
N PRO B 112 3.93 6.36 -19.51
CA PRO B 112 3.64 5.05 -18.94
C PRO B 112 4.78 4.61 -18.10
N GLY B 113 4.53 3.48 -17.42
CA GLY B 113 5.47 2.86 -16.50
C GLY B 113 5.40 3.55 -15.14
N SER B 114 4.23 4.09 -14.83
CA SER B 114 4.09 4.84 -13.60
C SER B 114 3.76 4.23 -12.26
N ASP B 115 4.50 4.75 -11.27
CA ASP B 115 4.48 4.44 -9.85
C ASP B 115 3.38 5.34 -9.32
N LEU B 116 2.85 5.03 -8.13
CA LEU B 116 1.79 5.86 -7.56
C LEU B 116 2.39 7.20 -7.44
N LEU B 117 3.45 7.20 -6.65
CA LEU B 117 4.22 8.36 -6.34
C LEU B 117 4.39 9.24 -7.57
N ARG B 118 4.83 8.65 -8.68
CA ARG B 118 4.99 9.44 -9.91
C ARG B 118 3.59 9.96 -10.23
N LEU B 119 2.73 9.05 -10.67
CA LEU B 119 1.35 9.39 -10.95
C LEU B 119 0.97 10.61 -10.05
N THR B 120 1.51 10.65 -8.82
CA THR B 120 1.25 11.76 -7.89
C THR B 120 1.93 13.00 -8.42
N GLN B 121 3.26 12.99 -8.44
CA GLN B 121 4.03 14.11 -8.91
C GLN B 121 3.37 14.74 -10.13
N ILE B 122 3.22 14.00 -11.23
CA ILE B 122 2.54 14.58 -12.39
C ILE B 122 1.29 15.30 -11.90
N LEU B 123 0.47 14.59 -11.15
CA LEU B 123 -0.77 15.14 -10.66
C LEU B 123 -0.77 16.19 -9.59
N SER B 124 0.36 16.41 -8.93
CA SER B 124 0.36 17.38 -7.83
C SER B 124 1.49 18.40 -7.73
N SER B 125 2.74 17.95 -7.75
CA SER B 125 3.92 18.82 -7.63
C SER B 125 4.22 19.67 -8.85
N ASN B 126 3.34 19.59 -9.86
CA ASN B 126 3.47 20.38 -11.08
C ASN B 126 2.22 21.26 -11.08
N ASN B 127 1.97 21.91 -9.93
CA ASN B 127 0.82 22.79 -9.66
C ASN B 127 -0.29 22.74 -10.73
N SER B 128 -0.03 23.28 -11.92
CA SER B 128 -0.97 23.21 -13.06
C SER B 128 -2.34 22.56 -12.89
N LYS B 129 -3.40 23.28 -12.51
CA LYS B 129 -4.76 22.71 -12.47
C LYS B 129 -5.17 21.33 -11.89
N SER B 130 -4.50 20.82 -10.86
CA SER B 130 -4.96 19.53 -10.30
C SER B 130 -5.54 19.62 -8.89
N ASN B 131 -6.61 18.85 -8.69
CA ASN B 131 -7.31 18.76 -7.42
C ASN B 131 -7.22 17.31 -7.05
N TRP B 132 -6.42 16.59 -7.83
CA TRP B 132 -6.23 15.23 -7.51
C TRP B 132 -5.55 15.30 -6.16
N THR B 133 -6.07 14.52 -5.22
CA THR B 133 -5.53 14.43 -3.89
C THR B 133 -5.44 12.97 -3.75
N LEU B 134 -4.33 12.52 -3.22
CA LEU B 134 -4.13 11.10 -3.03
C LEU B 134 -5.32 10.11 -3.17
N GLY B 135 -6.05 9.96 -2.07
CA GLY B 135 -7.15 9.03 -2.00
C GLY B 135 -8.04 8.86 -3.21
N ILE B 136 -8.61 9.93 -3.66
CA ILE B 136 -9.47 9.77 -4.80
C ILE B 136 -8.62 9.32 -5.98
N LEU B 137 -7.32 9.65 -5.96
CA LEU B 137 -6.42 9.21 -7.05
C LEU B 137 -6.38 7.76 -6.86
N MET B 138 -5.89 7.40 -5.69
CA MET B 138 -5.78 6.03 -5.24
C MET B 138 -7.01 5.18 -5.59
N GLU B 139 -8.18 5.71 -5.30
CA GLU B 139 -9.44 5.03 -5.54
C GLU B 139 -9.74 4.77 -6.97
N VAL B 140 -9.50 5.78 -7.78
CA VAL B 140 -9.78 5.67 -9.19
C VAL B 140 -8.80 4.74 -9.86
N LEU B 141 -7.56 4.74 -9.38
CA LEU B 141 -6.58 3.88 -9.97
C LEU B 141 -7.10 2.49 -9.91
N GLN B 142 -7.70 2.18 -8.79
CA GLN B 142 -8.21 0.86 -8.66
C GLN B 142 -9.39 0.58 -9.55
N ASN B 143 -10.16 1.59 -9.95
CA ASN B 143 -11.23 1.23 -10.85
C ASN B 143 -10.51 0.72 -12.08
N CYS B 144 -10.09 1.64 -12.95
CA CYS B 144 -9.36 1.29 -14.18
C CYS B 144 -8.85 -0.14 -14.14
N VAL B 145 -8.04 -0.43 -13.13
CA VAL B 145 -7.49 -1.75 -12.93
C VAL B 145 -8.53 -2.86 -12.96
N ASP B 146 -9.58 -2.69 -12.18
CA ASP B 146 -10.63 -3.70 -12.13
C ASP B 146 -11.45 -3.66 -13.38
N GLU B 147 -11.83 -2.47 -13.77
CA GLU B 147 -12.64 -2.31 -14.97
C GLU B 147 -11.79 -2.79 -16.13
N GLY B 148 -10.50 -2.89 -15.89
CA GLY B 148 -9.59 -3.28 -16.94
C GLY B 148 -9.61 -2.09 -17.86
N ASP B 149 -8.81 -1.10 -17.51
CA ASP B 149 -8.73 0.13 -18.25
C ASP B 149 -7.32 0.49 -18.11
N LEU B 150 -6.66 -0.31 -17.29
CA LEU B 150 -5.26 -0.13 -17.02
C LEU B 150 -4.55 -1.48 -16.86
N LEU B 151 -3.32 -1.59 -17.33
CA LEU B 151 -2.58 -2.82 -17.17
C LEU B 151 -1.61 -2.57 -16.04
N ILE B 152 -1.66 -3.45 -15.09
CA ILE B 152 -0.83 -3.44 -13.91
C ILE B 152 0.49 -4.11 -14.31
N ASP B 153 1.56 -3.82 -13.59
CA ASP B 153 2.85 -4.50 -13.76
C ASP B 153 3.33 -4.61 -12.31
N LYS B 154 2.73 -5.53 -11.56
CA LYS B 154 2.99 -5.70 -10.12
C LYS B 154 4.36 -6.26 -9.77
N GLN B 155 5.23 -5.42 -9.25
CA GLN B 155 6.54 -5.92 -8.90
C GLN B 155 6.69 -5.86 -7.41
N LEU B 156 7.68 -6.58 -6.93
CA LEU B 156 7.90 -6.55 -5.52
C LEU B 156 8.07 -5.09 -5.14
N SER B 157 8.66 -4.31 -6.04
CA SER B 157 8.90 -2.88 -5.81
C SER B 157 7.64 -2.18 -5.36
N GLY B 158 6.64 -2.22 -6.25
CA GLY B 158 5.34 -1.61 -6.04
C GLY B 158 4.56 -1.94 -7.30
N ILE B 159 3.47 -1.23 -7.57
CA ILE B 159 2.69 -1.50 -8.77
C ILE B 159 2.91 -0.40 -9.78
N TYR B 160 3.37 -0.76 -10.99
CA TYR B 160 3.58 0.22 -12.05
C TYR B 160 2.39 0.20 -12.97
N TYR B 161 1.97 1.39 -13.44
CA TYR B 161 0.76 1.53 -14.27
C TYR B 161 0.95 1.76 -15.76
N TYR B 162 0.02 1.26 -16.58
CA TYR B 162 0.10 1.43 -18.05
C TYR B 162 -1.30 1.48 -18.66
N LYS B 163 -1.40 1.87 -19.93
CA LYS B 163 -2.72 1.95 -20.55
C LYS B 163 -3.08 0.69 -21.27
N ASN B 164 -4.18 0.10 -20.88
CA ASN B 164 -4.63 -1.14 -21.49
C ASN B 164 -5.01 -0.95 -22.95
N SER B 165 -4.02 -0.57 -23.75
CA SER B 165 -4.18 -0.32 -25.18
C SER B 165 -4.13 -1.62 -25.97
N TYR B 166 -3.84 -2.75 -25.30
CA TYR B 166 -3.76 -4.04 -25.99
C TYR B 166 -4.91 -5.02 -25.77
N TRP B 167 -5.40 -5.20 -24.56
CA TRP B 167 -6.47 -6.17 -24.40
C TRP B 167 -7.82 -5.55 -24.07
N PRO B 168 -8.32 -4.71 -24.98
CA PRO B 168 -9.58 -3.96 -24.94
C PRO B 168 -10.84 -4.76 -24.64
N SER B 169 -11.84 -4.04 -24.11
CA SER B 169 -13.11 -4.62 -23.77
C SER B 169 -14.19 -3.95 -24.62
N SER C 2 12.16 7.18 25.23
CA SER C 2 13.60 6.76 25.07
C SER C 2 14.01 6.30 23.65
N ALA C 3 15.28 5.93 23.50
CA ALA C 3 15.79 5.46 22.21
C ALA C 3 15.27 4.04 22.04
N LEU C 4 14.16 3.82 22.73
CA LEU C 4 13.41 2.58 22.74
C LEU C 4 12.16 2.71 21.83
N PRO C 5 12.20 3.60 20.82
CA PRO C 5 10.95 3.57 20.06
C PRO C 5 10.76 2.13 19.59
N PRO C 6 9.65 1.48 20.02
CA PRO C 6 9.22 0.11 19.72
C PRO C 6 9.79 -0.46 18.46
N VAL C 7 9.36 0.12 17.34
CA VAL C 7 9.84 -0.30 16.04
C VAL C 7 11.32 -0.57 15.98
N TYR C 8 12.06 0.04 16.89
CA TYR C 8 13.51 -0.12 16.90
C TYR C 8 13.90 -1.55 17.00
N SER C 9 12.92 -2.45 17.19
CA SER C 9 13.21 -3.88 17.31
C SER C 9 12.40 -4.72 16.35
N PHE C 10 11.73 -4.05 15.40
CA PHE C 10 10.93 -4.74 14.40
C PHE C 10 11.90 -5.18 13.28
N PRO C 11 12.42 -6.39 13.39
CA PRO C 11 13.35 -7.02 12.46
C PRO C 11 13.46 -6.48 11.06
N PRO C 12 12.35 -6.51 10.32
CA PRO C 12 12.47 -6.01 8.96
C PRO C 12 13.05 -4.59 8.81
N LEU C 13 12.86 -3.72 9.81
CA LEU C 13 13.38 -2.35 9.73
C LEU C 13 14.75 -2.48 9.13
N TYR C 14 15.60 -3.16 9.86
CA TYR C 14 16.96 -3.37 9.47
C TYR C 14 17.27 -3.98 8.11
N THR C 15 16.38 -3.93 7.14
CA THR C 15 16.77 -4.46 5.82
C THR C 15 15.98 -3.65 4.79
N ARG C 16 16.69 -2.97 3.90
CA ARG C 16 15.99 -2.11 2.91
C ARG C 16 14.81 -2.77 2.22
N GLN C 17 13.63 -2.27 2.53
CA GLN C 17 12.41 -2.79 1.96
C GLN C 17 12.27 -2.73 0.43
N PRO C 18 11.92 -3.84 -0.17
CA PRO C 18 11.81 -3.71 -1.60
C PRO C 18 10.60 -2.88 -2.07
N ASN C 19 9.76 -2.46 -1.12
CA ASN C 19 8.54 -1.71 -1.45
C ASN C 19 8.58 -0.21 -1.42
N SER C 20 8.73 0.37 -2.60
CA SER C 20 8.80 1.81 -2.79
C SER C 20 8.16 2.62 -1.66
N LEU C 21 6.83 2.65 -1.60
CA LEU C 21 6.25 3.47 -0.58
C LEU C 21 6.65 3.03 0.80
N THR C 22 7.06 1.79 0.99
CA THR C 22 7.42 1.42 2.34
C THR C 22 8.85 1.82 2.51
N ARG C 23 9.67 1.38 1.55
CA ARG C 23 11.09 1.66 1.54
C ARG C 23 11.14 3.07 2.13
N ARG C 24 10.36 3.98 1.55
CA ARG C 24 10.33 5.35 2.02
C ARG C 24 10.16 5.38 3.54
N GLN C 25 8.95 5.06 3.99
CA GLN C 25 8.61 5.04 5.40
C GLN C 25 9.69 4.44 6.26
N GLN C 26 10.34 3.43 5.70
CA GLN C 26 11.39 2.76 6.44
C GLN C 26 12.41 3.80 6.78
N ILE C 27 12.88 4.49 5.75
CA ILE C 27 13.90 5.50 5.96
C ILE C 27 13.44 6.52 6.95
N SER C 28 12.42 7.25 6.54
CA SER C 28 11.90 8.30 7.38
C SER C 28 11.76 7.82 8.80
N THR C 29 11.33 6.58 9.00
CA THR C 29 11.20 6.11 10.36
C THR C 29 12.57 6.12 11.00
N TRP C 30 13.53 5.50 10.32
CA TRP C 30 14.91 5.44 10.78
C TRP C 30 15.38 6.83 11.20
N ILE C 31 15.26 7.78 10.27
CA ILE C 31 15.66 9.16 10.51
C ILE C 31 15.04 9.59 11.83
N ASP C 32 13.76 9.33 11.96
CA ASP C 32 13.01 9.70 13.14
C ASP C 32 13.59 9.11 14.41
N ILE C 33 14.10 7.88 14.35
CA ILE C 33 14.68 7.21 15.53
C ILE C 33 15.95 7.88 15.98
N ILE C 34 16.89 7.95 15.02
CA ILE C 34 18.19 8.58 15.16
C ILE C 34 17.91 9.76 16.05
N SER C 35 17.34 10.76 15.39
CA SER C 35 16.93 11.99 16.01
C SER C 35 16.63 11.82 17.53
N GLN C 36 15.45 11.33 17.91
CA GLN C 36 15.12 11.23 19.33
C GLN C 36 16.14 10.52 20.26
N TYR C 37 17.03 9.68 19.73
CA TYR C 37 18.01 9.04 20.61
C TYR C 37 19.02 10.10 21.00
N CYS C 38 19.48 10.81 19.98
CA CYS C 38 20.45 11.85 20.16
C CYS C 38 19.83 12.92 21.01
N LYS C 39 18.52 13.11 20.92
CA LYS C 39 17.93 14.07 21.83
C LYS C 39 17.94 13.23 23.11
N THR C 40 16.86 13.19 23.89
CA THR C 40 16.82 12.36 25.11
C THR C 40 18.16 11.98 25.73
N LYS C 41 18.93 11.13 25.07
CA LYS C 41 20.22 10.73 25.60
C LYS C 41 21.31 11.75 25.23
N LYS C 42 20.88 13.00 25.12
CA LYS C 42 21.72 14.15 24.81
C LYS C 42 23.00 13.83 24.01
N ILE C 43 22.85 13.13 22.89
CA ILE C 43 24.01 12.80 22.06
C ILE C 43 24.21 13.97 21.14
N TRP C 44 25.36 14.06 20.47
CA TRP C 44 25.62 15.22 19.63
C TRP C 44 25.97 15.00 18.17
N TYR C 45 27.01 14.21 18.02
CA TYR C 45 27.57 13.84 16.75
C TYR C 45 27.39 12.34 16.68
N MET C 46 27.71 11.72 15.57
CA MET C 46 27.57 10.28 15.44
C MET C 46 28.18 9.86 14.11
N SER C 47 28.76 8.65 14.07
CA SER C 47 29.42 8.13 12.85
C SER C 47 28.61 7.58 11.67
N VAL C 48 28.88 6.31 11.38
CA VAL C 48 28.22 5.55 10.33
C VAL C 48 28.40 4.15 10.91
N ASP C 49 28.60 4.20 12.20
CA ASP C 49 28.75 3.06 13.06
C ASP C 49 27.57 3.52 13.90
N GLY C 50 27.92 4.35 14.88
CA GLY C 50 26.96 4.91 15.81
C GLY C 50 27.88 5.21 16.96
N THR C 51 27.43 6.05 17.89
CA THR C 51 28.23 6.39 19.05
C THR C 51 28.22 5.23 20.04
N SER C 72 31.45 2.33 21.40
CA SER C 72 30.47 1.76 22.31
C SER C 72 29.34 0.98 21.61
N LYS C 73 28.28 1.69 21.26
CA LYS C 73 27.10 1.10 20.62
C LYS C 73 26.63 1.73 19.31
N ASN C 74 25.93 0.94 18.48
CA ASN C 74 25.39 1.38 17.20
C ASN C 74 23.88 1.55 17.18
N LEU C 75 23.43 2.53 16.45
CA LEU C 75 22.01 2.72 16.39
C LEU C 75 21.55 1.78 15.33
N PHE C 76 22.49 1.41 14.49
CA PHE C 76 22.21 0.56 13.36
C PHE C 76 22.56 -0.87 13.59
N ASN C 77 22.92 -1.17 14.83
CA ASN C 77 23.29 -2.51 15.21
C ASN C 77 23.59 -2.68 16.68
N ASN C 78 23.45 -1.67 17.54
CA ASN C 78 23.69 -1.92 18.99
C ASN C 78 22.45 -2.68 19.40
N GLU C 79 21.79 -3.06 18.32
CA GLU C 79 20.57 -3.84 18.26
C GLU C 79 21.18 -5.06 17.66
N ASP C 80 22.27 -5.49 18.28
CA ASP C 80 22.98 -6.65 17.82
C ASP C 80 22.14 -7.70 18.49
N ILE C 81 21.29 -7.32 19.46
CA ILE C 81 20.50 -8.37 20.04
C ILE C 81 19.20 -8.78 19.33
N GLN C 82 19.49 -9.00 18.03
CA GLN C 82 18.64 -9.38 16.90
C GLN C 82 19.46 -9.31 15.61
N ARG C 83 19.53 -8.13 14.94
CA ARG C 83 20.26 -7.87 13.64
C ARG C 83 20.82 -6.41 13.41
N SER C 84 21.25 -6.15 12.17
CA SER C 84 21.77 -4.81 11.77
C SER C 84 21.71 -4.32 10.33
N VAL C 85 21.42 -3.03 10.20
CA VAL C 85 21.30 -2.34 8.93
C VAL C 85 22.52 -2.35 8.02
N SER C 86 22.27 -2.67 6.75
CA SER C 86 23.30 -2.70 5.73
C SER C 86 23.94 -1.34 5.68
N GLN C 87 25.26 -1.29 5.56
CA GLN C 87 25.91 0.00 5.51
C GLN C 87 25.41 0.73 4.28
N VAL C 88 25.55 0.11 3.11
CA VAL C 88 25.09 0.75 1.88
C VAL C 88 23.89 1.64 2.09
N PHE C 89 22.98 1.18 2.95
CA PHE C 89 21.73 1.84 3.31
C PHE C 89 21.88 2.99 4.26
N ILE C 90 22.44 2.68 5.42
CA ILE C 90 22.70 3.68 6.42
C ILE C 90 22.97 4.95 5.63
N ASP C 91 23.87 4.82 4.67
CA ASP C 91 24.24 5.91 3.78
C ASP C 91 22.97 6.54 3.26
N GLU C 92 22.37 5.91 2.24
CA GLU C 92 21.14 6.43 1.66
C GLU C 92 20.28 7.08 2.72
N ILE C 93 20.22 6.47 3.89
CA ILE C 93 19.43 7.01 4.98
C ILE C 93 20.06 8.32 5.34
N TRP C 94 21.29 8.23 5.80
CA TRP C 94 22.09 9.39 6.21
C TRP C 94 21.81 10.56 5.32
N SER C 95 21.98 10.35 4.01
CA SER C 95 21.73 11.39 3.04
C SER C 95 20.38 12.02 3.26
N GLN C 96 19.35 11.31 2.86
CA GLN C 96 17.99 11.80 3.00
C GLN C 96 17.71 12.35 4.37
N MET C 97 18.59 12.05 5.32
CA MET C 97 18.47 12.53 6.69
C MET C 97 19.09 13.93 6.75
N THR C 98 19.98 14.19 5.82
CA THR C 98 20.64 15.47 5.77
C THR C 98 19.95 16.34 4.74
N LYS C 99 19.73 15.78 3.56
CA LYS C 99 19.05 16.51 2.50
C LYS C 99 17.82 17.14 3.17
N GLU C 100 17.29 16.46 4.18
CA GLU C 100 16.12 16.97 4.91
C GLU C 100 16.67 18.00 5.89
N GLY C 101 17.94 17.83 6.24
CA GLY C 101 18.58 18.74 7.15
C GLY C 101 18.13 18.49 8.56
N LYS C 102 18.66 17.42 9.14
CA LYS C 102 18.36 17.01 10.51
C LYS C 102 19.67 16.47 11.08
N CYS C 103 20.50 15.97 10.18
CA CYS C 103 21.80 15.44 10.56
C CYS C 103 22.81 16.33 9.85
N LEU C 104 23.98 16.53 10.47
CA LEU C 104 25.02 17.34 9.85
C LEU C 104 26.31 16.56 9.63
N PRO C 105 26.85 16.65 8.41
CA PRO C 105 28.08 15.93 8.12
C PRO C 105 29.31 16.69 8.63
N ILE C 106 30.19 15.94 9.30
CA ILE C 106 31.39 16.53 9.88
C ILE C 106 32.53 15.55 9.62
N ASP C 107 33.62 15.77 10.34
CA ASP C 107 34.83 14.97 10.34
C ASP C 107 35.60 15.37 11.61
N GLN C 108 35.89 16.66 11.73
CA GLN C 108 36.58 17.22 12.87
C GLN C 108 36.19 18.70 12.89
N SER C 109 35.82 19.20 11.71
CA SER C 109 35.40 20.58 11.49
C SER C 109 34.09 20.59 10.67
N GLY C 110 33.06 21.23 11.20
CA GLY C 110 31.77 21.26 10.55
C GLY C 110 31.56 21.40 9.03
N ARG C 111 32.37 20.74 8.21
CA ARG C 111 32.17 20.87 6.78
C ARG C 111 32.24 19.57 6.00
N ARG C 112 32.08 19.70 4.67
CA ARG C 112 32.11 18.55 3.77
C ARG C 112 33.07 18.64 2.56
N SER C 113 32.91 17.63 1.72
CA SER C 113 33.66 17.36 0.47
C SER C 113 33.31 15.87 0.38
N SER C 114 32.72 15.38 1.47
CA SER C 114 32.21 14.02 1.66
C SER C 114 33.10 12.80 2.01
N ASN C 115 34.43 12.92 2.04
CA ASN C 115 35.25 11.75 2.38
C ASN C 115 36.10 11.97 3.62
N THR C 116 37.30 12.54 3.42
CA THR C 116 38.23 12.86 4.51
C THR C 116 37.46 13.89 5.34
N THR C 117 36.28 14.24 4.81
CA THR C 117 35.40 15.24 5.39
C THR C 117 33.99 14.75 5.82
N THR C 118 33.83 13.42 5.99
CA THR C 118 32.59 12.82 6.49
C THR C 118 32.84 11.51 7.23
N THR C 119 32.62 11.55 8.53
CA THR C 119 32.77 10.38 9.36
C THR C 119 31.89 10.54 10.56
N ARG C 120 31.90 11.70 11.19
CA ARG C 120 30.96 11.85 12.28
C ARG C 120 29.82 12.73 11.73
N TYR C 121 28.72 12.86 12.46
CA TYR C 121 27.62 13.70 12.05
C TYR C 121 27.05 14.47 13.26
N PHE C 122 26.65 15.70 13.01
CA PHE C 122 26.08 16.55 14.04
C PHE C 122 24.61 16.25 13.91
N ILE C 123 23.86 16.26 14.99
CA ILE C 123 22.45 15.94 14.86
C ILE C 123 21.52 17.03 15.37
N LEU C 124 20.55 17.42 14.58
CA LEU C 124 19.68 18.50 15.05
C LEU C 124 18.34 18.14 15.66
N TRP C 125 18.17 18.28 16.98
CA TRP C 125 16.84 18.05 17.50
C TRP C 125 16.19 19.23 16.81
N LYS C 126 16.59 20.44 17.26
CA LYS C 126 16.12 21.72 16.72
C LYS C 126 16.91 22.13 15.50
N SER C 127 16.35 23.05 14.72
CA SER C 127 17.05 23.50 13.52
C SER C 127 18.31 24.29 13.89
N LEU C 128 18.89 24.94 12.89
CA LEU C 128 20.07 25.77 13.09
C LEU C 128 19.56 27.19 13.31
N ASP C 129 19.06 27.82 12.25
CA ASP C 129 18.50 29.20 12.28
C ASP C 129 17.54 29.34 13.43
N SER C 130 17.37 28.25 14.13
CA SER C 130 16.52 28.17 15.28
C SER C 130 17.44 27.97 16.47
N TRP C 131 18.25 26.92 16.43
CA TRP C 131 19.10 26.61 17.57
C TRP C 131 19.92 27.76 18.12
N ALA C 132 20.00 28.84 17.36
CA ALA C 132 20.73 29.99 17.87
C ALA C 132 19.73 30.76 18.72
N SER C 133 18.57 30.99 18.13
CA SER C 133 17.53 31.72 18.81
C SER C 133 17.31 31.27 20.25
N LEU C 134 18.01 30.22 20.68
CA LEU C 134 17.89 29.73 22.06
C LEU C 134 19.19 30.17 22.76
N ILE C 135 20.27 30.09 22.01
CA ILE C 135 21.53 30.56 22.54
C ILE C 135 21.22 32.01 22.79
N LEU C 136 21.06 32.77 21.71
CA LEU C 136 20.75 34.20 21.76
C LEU C 136 19.77 34.53 22.89
N GLN C 137 18.67 33.78 22.97
CA GLN C 137 17.65 33.97 23.99
C GLN C 137 18.24 33.52 25.32
N TRP C 138 19.54 33.23 25.34
CA TRP C 138 20.23 32.86 26.58
C TRP C 138 20.42 34.23 27.14
N PHE C 139 21.13 34.98 26.33
CA PHE C 139 21.51 36.33 26.59
C PHE C 139 20.27 37.21 26.68
N GLU C 140 19.39 37.14 25.68
CA GLU C 140 18.16 37.91 25.71
C GLU C 140 17.56 37.76 27.13
N ASP C 141 17.11 36.55 27.46
CA ASP C 141 16.49 36.21 28.76
C ASP C 141 17.26 36.73 29.98
N SER C 142 18.53 37.05 29.79
CA SER C 142 19.35 37.58 30.88
C SER C 142 19.70 39.04 30.57
N GLY C 143 20.53 39.25 29.55
CA GLY C 143 20.92 40.60 29.16
C GLY C 143 22.40 40.78 28.87
N LYS C 144 23.23 39.90 29.43
CA LYS C 144 24.68 39.96 29.26
C LYS C 144 25.05 39.86 27.78
N LEU C 145 24.36 40.62 26.92
CA LEU C 145 24.64 40.57 25.48
C LEU C 145 25.79 41.45 24.98
N ASN C 146 26.02 42.59 25.63
CA ASN C 146 27.11 43.50 25.25
C ASN C 146 28.37 42.62 25.24
N GLN C 147 28.53 41.95 26.37
CA GLN C 147 29.60 41.02 26.73
C GLN C 147 30.39 40.16 25.73
N VAL C 148 31.51 39.62 26.22
CA VAL C 148 32.34 38.72 25.43
C VAL C 148 32.73 37.49 26.25
N ILE C 149 32.25 36.34 25.76
CA ILE C 149 32.49 35.03 26.35
C ILE C 149 32.86 33.98 25.26
N THR C 150 33.54 32.93 25.71
CA THR C 150 34.00 31.89 24.80
C THR C 150 33.00 30.79 24.56
N LEU C 151 33.34 29.90 23.63
CA LEU C 151 32.46 28.79 23.38
C LEU C 151 32.62 27.86 24.58
N TYR C 152 33.85 27.40 24.85
CA TYR C 152 34.15 26.54 26.01
C TYR C 152 33.56 27.18 27.29
N GLU C 153 32.59 28.07 27.12
CA GLU C 153 31.93 28.73 28.24
C GLU C 153 30.42 28.60 28.19
N LEU C 154 29.79 29.10 27.13
CA LEU C 154 28.33 29.00 27.05
C LEU C 154 28.01 27.50 27.04
N SER C 155 29.08 26.71 27.07
CA SER C 155 29.02 25.27 27.12
C SER C 155 29.63 24.80 28.45
N GLU C 156 30.34 23.66 28.42
CA GLU C 156 30.98 22.98 29.56
C GLU C 156 31.04 23.63 30.96
N GLY C 157 30.89 24.95 31.03
CA GLY C 157 30.96 25.66 32.30
C GLY C 157 29.86 25.52 33.34
N ASP C 158 29.22 26.64 33.64
CA ASP C 158 28.14 26.69 34.62
C ASP C 158 26.88 27.31 34.02
N GLU C 159 26.77 27.20 32.69
CA GLU C 159 25.59 27.69 31.98
C GLU C 159 24.97 26.50 31.25
N THR C 160 24.75 25.49 32.11
CA THR C 160 24.17 24.19 31.82
C THR C 160 22.89 24.17 32.68
N VAL C 161 21.92 24.97 32.25
CA VAL C 161 20.62 25.08 32.89
C VAL C 161 19.74 24.34 31.91
N ASN C 162 18.44 24.62 31.91
CA ASN C 162 17.55 23.95 30.97
C ASN C 162 17.73 24.60 29.60
N TRP C 163 18.98 24.62 29.17
CA TRP C 163 19.41 25.11 27.87
C TRP C 163 20.05 23.83 27.35
N GLU C 164 19.32 23.12 26.51
CA GLU C 164 19.79 21.84 26.00
C GLU C 164 20.96 21.99 25.04
N PHE C 165 21.56 23.17 25.07
CA PHE C 165 22.72 23.37 24.24
C PHE C 165 23.98 23.26 25.07
N HIS C 166 23.80 23.06 26.38
CA HIS C 166 24.92 22.90 27.31
C HIS C 166 25.80 21.80 26.74
N ARG C 167 26.75 21.32 27.53
CA ARG C 167 27.69 20.27 27.10
C ARG C 167 28.01 20.13 25.60
N MET C 168 27.23 20.82 24.77
CA MET C 168 27.37 20.85 23.32
C MET C 168 28.80 21.20 22.99
N PRO C 169 29.32 20.64 21.91
CA PRO C 169 30.71 20.92 21.50
C PRO C 169 30.98 22.24 20.80
N GLU C 170 32.09 22.85 21.19
CA GLU C 170 32.51 24.10 20.62
C GLU C 170 32.36 23.93 19.11
N SER C 171 33.22 23.08 18.56
CA SER C 171 33.29 22.76 17.12
C SER C 171 31.97 22.80 16.34
N LEU C 172 30.86 22.64 17.03
CA LEU C 172 29.57 22.68 16.37
C LEU C 172 29.03 24.03 16.76
N LEU C 173 29.09 24.28 18.07
CA LEU C 173 28.62 25.53 18.68
C LEU C 173 28.76 26.70 17.75
N TYR C 174 29.92 26.81 17.12
CA TYR C 174 30.19 27.85 16.16
C TYR C 174 29.02 27.84 15.16
N TYR C 175 28.87 26.70 14.48
CA TYR C 175 27.85 26.50 13.46
C TYR C 175 26.47 27.04 13.72
N CYS C 176 26.12 27.05 15.00
CA CYS C 176 24.84 27.49 15.49
C CYS C 176 24.82 29.00 15.73
N LEU C 177 25.97 29.52 16.14
CA LEU C 177 26.08 30.94 16.39
C LEU C 177 26.01 31.68 15.07
N LYS C 178 26.84 31.24 14.13
CA LYS C 178 26.93 31.85 12.79
C LYS C 178 25.61 32.33 12.19
N PRO C 179 24.50 31.67 12.53
CA PRO C 179 23.22 32.12 11.97
C PRO C 179 22.79 33.36 12.77
N LEU C 180 23.40 33.50 13.95
CA LEU C 180 23.14 34.64 14.83
C LEU C 180 23.76 35.84 14.14
N CYS C 181 23.64 35.87 12.82
CA CYS C 181 24.17 36.93 11.99
C CYS C 181 23.49 36.84 10.63
N ASP C 182 22.39 37.56 10.46
CA ASP C 182 21.66 37.56 9.18
C ASP C 182 22.48 38.50 8.27
N ARG C 183 22.22 39.79 8.43
CA ARG C 183 22.88 40.92 7.73
C ARG C 183 23.06 41.79 8.98
N ASN C 184 22.12 41.55 9.90
CA ASN C 184 22.01 42.18 11.22
C ASN C 184 22.41 41.04 12.16
N ARG C 185 23.60 41.21 12.72
CA ARG C 185 24.29 40.22 13.53
C ARG C 185 24.45 40.31 15.06
N ALA C 186 25.66 39.89 15.47
CA ALA C 186 26.24 39.81 16.81
C ALA C 186 27.65 39.41 16.34
N THR C 187 28.62 39.13 17.22
CA THR C 187 29.91 38.70 16.64
C THR C 187 31.05 38.01 17.40
N MET C 188 31.69 37.14 16.62
CA MET C 188 32.80 36.29 17.05
C MET C 188 34.08 37.05 17.33
N LEU C 189 35.04 36.33 17.91
CA LEU C 189 36.35 36.86 18.25
C LEU C 189 37.35 35.83 17.77
N LYS C 190 37.44 35.71 16.44
CA LYS C 190 38.32 34.76 15.79
C LYS C 190 39.75 34.56 16.34
N ASP C 191 40.57 34.04 15.42
CA ASP C 191 41.99 33.76 15.61
C ASP C 191 42.33 32.81 14.47
N GLU C 192 43.59 32.89 14.03
CA GLU C 192 44.12 32.05 12.96
C GLU C 192 44.29 30.67 13.60
N ASN C 193 43.71 30.52 14.80
CA ASN C 193 43.78 29.28 15.59
C ASN C 193 42.53 28.89 16.47
N ASP C 194 41.53 29.78 16.64
CA ASP C 194 40.33 29.48 17.46
C ASP C 194 39.03 30.30 17.18
N LYS C 195 38.36 30.74 18.27
CA LYS C 195 37.12 31.55 18.25
C LYS C 195 36.48 31.61 19.66
N VAL C 196 35.47 32.50 19.83
CA VAL C 196 34.62 32.78 21.05
C VAL C 196 33.76 34.08 20.79
N ILE C 197 32.65 34.35 21.51
CA ILE C 197 31.78 35.50 21.11
C ILE C 197 31.13 36.63 21.98
N ALA C 198 30.58 37.62 21.23
CA ALA C 198 29.86 38.83 21.68
C ALA C 198 28.50 39.01 20.93
N ILE C 199 27.51 39.61 21.61
CA ILE C 199 26.13 39.78 21.11
C ILE C 199 25.53 41.18 20.83
N SER D 2 12.23 -13.15 -34.80
CA SER D 2 10.76 -13.20 -35.10
C SER D 2 10.01 -13.84 -33.93
N ALA D 3 10.75 -14.10 -32.87
CA ALA D 3 10.23 -14.71 -31.64
C ALA D 3 10.24 -13.60 -30.57
N LEU D 4 10.58 -12.40 -31.05
CA LEU D 4 10.58 -11.21 -30.24
C LEU D 4 9.38 -10.37 -30.76
N PRO D 5 8.13 -10.92 -30.65
CA PRO D 5 7.04 -10.07 -31.13
C PRO D 5 7.25 -8.79 -30.30
N PRO D 6 6.35 -7.80 -30.40
CA PRO D 6 6.94 -6.82 -29.47
C PRO D 6 6.31 -6.89 -28.07
N VAL D 7 5.05 -7.28 -28.04
CA VAL D 7 4.30 -7.41 -26.81
C VAL D 7 5.20 -8.08 -25.80
N TYR D 8 5.96 -9.08 -26.27
CA TYR D 8 6.87 -9.84 -25.42
C TYR D 8 7.85 -8.97 -24.63
N SER D 9 7.84 -7.67 -24.86
CA SER D 9 8.79 -6.80 -24.16
C SER D 9 8.09 -5.80 -23.26
N PHE D 10 6.78 -6.04 -23.10
CA PHE D 10 5.84 -5.22 -22.34
C PHE D 10 5.62 -5.65 -20.90
N PRO D 11 6.32 -5.02 -19.97
CA PRO D 11 6.22 -5.33 -18.54
C PRO D 11 4.88 -5.83 -18.02
N PRO D 12 3.82 -5.10 -18.28
CA PRO D 12 2.54 -5.59 -17.79
C PRO D 12 2.06 -6.88 -18.45
N LEU D 13 2.94 -7.54 -19.19
CA LEU D 13 2.51 -8.79 -19.81
C LEU D 13 2.87 -9.85 -18.84
N TYR D 14 3.93 -9.61 -18.10
CA TYR D 14 4.40 -10.59 -17.18
C TYR D 14 3.67 -10.62 -15.83
N THR D 15 2.70 -9.74 -15.62
CA THR D 15 1.94 -9.81 -14.38
C THR D 15 0.55 -10.29 -14.75
N ARG D 16 0.04 -11.14 -13.89
CA ARG D 16 -1.28 -11.65 -14.08
C ARG D 16 -2.32 -10.50 -14.08
N GLN D 17 -2.45 -9.76 -15.19
CA GLN D 17 -3.47 -8.69 -15.24
C GLN D 17 -4.64 -9.32 -14.53
N PRO D 18 -5.35 -8.59 -13.66
CA PRO D 18 -6.48 -9.21 -12.95
C PRO D 18 -7.88 -9.06 -13.52
N ASN D 19 -8.09 -8.19 -14.50
CA ASN D 19 -9.44 -8.08 -15.02
C ASN D 19 -9.90 -9.27 -15.81
N SER D 20 -10.69 -10.13 -15.18
CA SER D 20 -11.27 -11.30 -15.84
C SER D 20 -11.06 -11.16 -17.38
N LEU D 21 -11.96 -10.45 -18.05
CA LEU D 21 -11.85 -10.30 -19.50
C LEU D 21 -10.54 -9.83 -20.11
N THR D 22 -9.57 -9.47 -19.30
CA THR D 22 -8.31 -9.03 -19.86
C THR D 22 -7.34 -10.13 -19.50
N ARG D 23 -7.56 -10.69 -18.31
CA ARG D 23 -6.78 -11.80 -17.78
C ARG D 23 -6.61 -12.67 -19.01
N ARG D 24 -7.76 -13.04 -19.59
CA ARG D 24 -7.85 -13.84 -20.82
C ARG D 24 -7.08 -13.12 -21.93
N GLN D 25 -7.74 -12.65 -22.99
CA GLN D 25 -7.06 -11.92 -24.09
C GLN D 25 -5.52 -11.82 -23.97
N GLN D 26 -5.03 -11.52 -22.76
CA GLN D 26 -3.61 -11.48 -22.42
C GLN D 26 -3.28 -12.93 -22.72
N ILE D 27 -3.56 -13.79 -21.74
CA ILE D 27 -3.37 -15.26 -21.84
C ILE D 27 -3.23 -15.76 -23.27
N SER D 28 -4.28 -15.54 -24.04
CA SER D 28 -4.31 -15.93 -25.42
C SER D 28 -3.02 -15.46 -26.05
N THR D 29 -2.71 -14.18 -25.96
CA THR D 29 -1.45 -13.73 -26.51
C THR D 29 -0.23 -14.47 -25.85
N TRP D 30 -0.22 -14.62 -24.54
CA TRP D 30 0.90 -15.32 -23.92
C TRP D 30 1.01 -16.70 -24.52
N ILE D 31 0.00 -17.05 -25.31
CA ILE D 31 -0.04 -18.33 -25.98
C ILE D 31 0.56 -18.25 -27.38
N ASP D 32 0.03 -17.39 -28.24
CA ASP D 32 0.57 -17.26 -29.58
C ASP D 32 2.00 -16.76 -29.52
N ILE D 33 2.65 -16.98 -28.38
CA ILE D 33 4.04 -16.62 -28.25
C ILE D 33 4.64 -18.01 -28.06
N ILE D 34 3.98 -18.80 -27.20
CA ILE D 34 4.38 -20.19 -26.95
C ILE D 34 4.31 -20.70 -28.38
N SER D 35 3.09 -20.94 -28.86
CA SER D 35 2.87 -21.41 -30.22
C SER D 35 3.93 -20.94 -31.24
N GLN D 36 3.69 -19.85 -31.96
CA GLN D 36 4.68 -19.44 -32.95
C GLN D 36 6.17 -19.53 -32.54
N TYR D 37 6.51 -19.47 -31.25
CA TYR D 37 7.93 -19.52 -30.87
C TYR D 37 8.58 -20.81 -31.24
N CYS D 38 7.86 -21.87 -30.91
CA CYS D 38 8.31 -23.21 -31.19
C CYS D 38 8.31 -23.37 -32.69
N LYS D 39 7.23 -22.94 -33.34
CA LYS D 39 7.14 -23.02 -34.78
C LYS D 39 8.40 -22.35 -35.38
N THR D 40 8.30 -21.15 -35.92
CA THR D 40 9.51 -20.55 -36.50
C THR D 40 10.87 -20.83 -35.81
N LYS D 41 10.90 -21.17 -34.53
CA LYS D 41 12.23 -21.45 -34.02
C LYS D 41 12.44 -22.95 -33.89
N LYS D 42 11.50 -23.70 -34.46
CA LYS D 42 11.48 -25.16 -34.55
C LYS D 42 11.54 -26.09 -33.32
N ILE D 43 10.98 -25.69 -32.18
CA ILE D 43 11.01 -26.57 -31.00
C ILE D 43 9.77 -27.43 -30.88
N TRP D 44 9.80 -28.45 -30.04
CA TRP D 44 8.68 -29.36 -29.96
C TRP D 44 7.98 -29.46 -28.63
N TYR D 45 8.76 -29.77 -27.60
CA TYR D 45 8.26 -29.92 -26.25
C TYR D 45 8.83 -28.78 -25.45
N MET D 46 8.05 -28.32 -24.48
CA MET D 46 8.49 -27.25 -23.60
C MET D 46 8.11 -27.78 -22.24
N SER D 47 8.79 -27.26 -21.23
CA SER D 47 8.62 -27.66 -19.84
C SER D 47 7.46 -26.94 -19.13
N VAL D 48 7.83 -26.03 -18.24
CA VAL D 48 6.92 -25.18 -17.50
C VAL D 48 8.04 -24.22 -17.18
N ASP D 49 8.95 -24.67 -16.32
CA ASP D 49 10.15 -23.94 -16.00
C ASP D 49 10.39 -23.16 -17.31
N GLY D 50 10.72 -23.90 -18.38
CA GLY D 50 10.95 -23.30 -19.69
C GLY D 50 12.17 -23.81 -20.43
N THR D 51 12.03 -23.94 -21.75
CA THR D 51 13.12 -24.38 -22.63
C THR D 51 13.85 -23.20 -23.26
N SER D 72 20.49 -23.22 -22.00
CA SER D 72 19.19 -22.99 -21.38
C SER D 72 18.58 -21.63 -21.81
N LYS D 73 17.28 -21.61 -22.10
CA LYS D 73 16.53 -20.39 -22.48
C LYS D 73 15.14 -20.49 -21.83
N ASN D 74 14.41 -19.36 -21.72
CA ASN D 74 13.03 -19.38 -21.19
C ASN D 74 12.07 -18.37 -21.83
N LEU D 75 11.00 -18.89 -22.41
CA LEU D 75 10.01 -18.07 -23.06
C LEU D 75 9.46 -17.11 -22.04
N PHE D 76 9.62 -17.46 -20.78
CA PHE D 76 9.11 -16.69 -19.64
C PHE D 76 10.23 -16.10 -18.80
N ASN D 77 10.49 -16.71 -17.65
CA ASN D 77 11.55 -16.23 -16.76
C ASN D 77 12.70 -15.64 -17.55
N ASN D 78 13.27 -16.43 -18.47
CA ASN D 78 14.42 -16.01 -19.29
C ASN D 78 14.39 -14.53 -19.51
N GLU D 79 13.19 -14.00 -19.71
CA GLU D 79 13.07 -12.58 -19.93
C GLU D 79 14.00 -11.86 -18.97
N ASP D 80 15.22 -11.74 -19.44
CA ASP D 80 16.30 -11.17 -18.69
C ASP D 80 16.64 -9.72 -18.89
N ILE D 81 16.09 -9.00 -19.86
CA ILE D 81 16.55 -7.63 -19.72
C ILE D 81 15.57 -6.86 -18.83
N GLN D 82 14.59 -7.56 -18.27
CA GLN D 82 13.69 -6.92 -17.33
C GLN D 82 13.53 -7.80 -16.07
N ARG D 83 12.46 -8.60 -16.08
CA ARG D 83 12.12 -9.56 -15.01
C ARG D 83 10.89 -10.49 -15.52
N SER D 84 10.80 -11.71 -14.93
CA SER D 84 9.88 -12.86 -15.29
C SER D 84 8.38 -13.10 -15.02
N VAL D 85 7.78 -14.19 -15.52
CA VAL D 85 6.31 -14.45 -15.29
C VAL D 85 6.15 -15.18 -13.96
N SER D 86 4.92 -15.55 -13.52
CA SER D 86 4.78 -16.31 -12.26
C SER D 86 4.32 -17.71 -12.55
N GLN D 87 4.84 -18.66 -11.78
CA GLN D 87 4.52 -20.05 -11.96
C GLN D 87 3.03 -20.19 -12.00
N VAL D 88 2.38 -19.71 -10.95
CA VAL D 88 0.95 -19.82 -10.89
C VAL D 88 0.35 -19.33 -12.16
N PHE D 89 0.88 -18.24 -12.68
CA PHE D 89 0.29 -17.80 -13.90
C PHE D 89 0.58 -18.86 -14.94
N ILE D 90 1.85 -19.16 -15.15
CA ILE D 90 2.16 -20.15 -16.16
C ILE D 90 1.11 -21.21 -16.14
N ASP D 91 1.15 -22.01 -15.07
CA ASP D 91 0.25 -23.13 -14.86
C ASP D 91 -1.14 -22.79 -15.31
N GLU D 92 -1.54 -21.56 -15.03
CA GLU D 92 -2.86 -21.10 -15.43
C GLU D 92 -2.82 -20.95 -16.94
N ILE D 93 -1.78 -20.29 -17.44
CA ILE D 93 -1.63 -20.10 -18.88
C ILE D 93 -1.72 -21.44 -19.55
N TRP D 94 -0.88 -22.35 -19.07
CA TRP D 94 -0.82 -23.72 -19.57
C TRP D 94 -2.26 -24.23 -19.66
N SER D 95 -2.85 -24.65 -18.55
CA SER D 95 -4.22 -25.16 -18.58
C SER D 95 -5.19 -24.61 -19.65
N GLN D 96 -5.33 -23.29 -19.79
CA GLN D 96 -6.26 -22.80 -20.82
C GLN D 96 -5.73 -23.08 -22.20
N MET D 97 -4.46 -23.44 -22.32
CA MET D 97 -3.93 -23.78 -23.63
C MET D 97 -4.29 -25.25 -23.76
N THR D 98 -4.12 -25.99 -22.66
CA THR D 98 -4.47 -27.40 -22.59
C THR D 98 -5.82 -27.51 -23.28
N LYS D 99 -6.88 -27.19 -22.53
CA LYS D 99 -8.25 -27.24 -23.01
C LYS D 99 -8.46 -26.84 -24.49
N GLU D 100 -7.93 -25.68 -24.91
CA GLU D 100 -8.10 -25.26 -26.31
C GLU D 100 -7.31 -26.17 -27.21
N GLY D 101 -6.58 -27.10 -26.60
CA GLY D 101 -5.78 -28.05 -27.33
C GLY D 101 -4.65 -27.51 -28.19
N LYS D 102 -3.49 -27.28 -27.60
CA LYS D 102 -2.37 -26.79 -28.37
C LYS D 102 -1.07 -27.21 -27.73
N CYS D 103 -1.15 -27.51 -26.45
CA CYS D 103 0.01 -27.97 -25.74
C CYS D 103 -0.43 -29.32 -25.21
N LEU D 104 0.53 -30.15 -24.82
CA LEU D 104 0.21 -31.47 -24.24
C LEU D 104 1.28 -31.82 -23.21
N PRO D 105 0.85 -32.34 -22.05
CA PRO D 105 1.59 -32.78 -20.85
C PRO D 105 2.32 -34.14 -20.91
N ILE D 106 3.47 -34.23 -20.23
CA ILE D 106 4.27 -35.46 -20.19
C ILE D 106 5.43 -35.43 -19.16
N ASP D 107 5.98 -36.61 -18.83
CA ASP D 107 7.13 -36.79 -17.89
C ASP D 107 8.31 -37.39 -18.71
N GLN D 108 7.89 -38.21 -19.66
CA GLN D 108 8.70 -38.93 -20.63
C GLN D 108 7.54 -39.53 -21.48
N SER D 109 6.45 -39.86 -20.78
CA SER D 109 5.24 -40.49 -21.36
C SER D 109 3.92 -39.70 -21.51
N GLY D 110 3.57 -39.42 -22.76
CA GLY D 110 2.36 -38.70 -23.12
C GLY D 110 1.18 -38.60 -22.15
N ARG D 111 0.39 -39.67 -22.06
CA ARG D 111 -0.78 -39.70 -21.18
C ARG D 111 -0.41 -39.01 -19.89
N ARG D 112 -1.39 -38.76 -19.05
CA ARG D 112 -1.04 -38.04 -17.83
C ARG D 112 -1.44 -38.58 -16.47
N SER D 113 -1.09 -37.74 -15.53
CA SER D 113 -1.30 -37.83 -14.11
C SER D 113 -0.70 -36.50 -13.68
N SER D 114 -1.59 -35.53 -13.46
CA SER D 114 -1.32 -34.15 -13.05
C SER D 114 0.01 -33.86 -12.36
N ASN D 115 0.68 -34.86 -11.81
CA ASN D 115 1.95 -34.57 -11.15
C ASN D 115 3.11 -34.97 -12.05
N THR D 116 3.61 -36.18 -11.81
CA THR D 116 4.72 -36.71 -12.57
C THR D 116 4.49 -36.85 -14.04
N THR D 117 3.29 -37.28 -14.41
CA THR D 117 3.04 -37.48 -15.83
C THR D 117 2.57 -36.17 -16.56
N THR D 118 2.67 -35.05 -15.84
CA THR D 118 2.40 -33.70 -16.38
C THR D 118 3.66 -32.91 -16.01
N THR D 119 4.57 -32.72 -16.96
CA THR D 119 5.82 -32.00 -16.67
C THR D 119 6.69 -31.71 -17.88
N ARG D 120 5.99 -31.59 -19.00
CA ARG D 120 6.59 -31.24 -20.27
C ARG D 120 5.36 -31.14 -21.14
N TYR D 121 5.38 -30.21 -22.09
CA TYR D 121 4.26 -29.97 -22.99
C TYR D 121 4.77 -30.02 -24.41
N PHE D 122 4.08 -30.73 -25.29
CA PHE D 122 4.50 -30.80 -26.68
C PHE D 122 3.66 -29.74 -27.33
N ILE D 123 4.26 -28.66 -27.78
CA ILE D 123 3.51 -27.55 -28.38
C ILE D 123 2.58 -28.05 -29.48
N LEU D 124 2.41 -27.33 -30.60
CA LEU D 124 1.48 -27.80 -31.64
C LEU D 124 1.07 -26.79 -32.70
N TRP D 125 1.88 -26.57 -33.73
CA TRP D 125 1.51 -25.61 -34.76
C TRP D 125 0.11 -26.07 -35.22
N LYS D 126 0.06 -27.13 -36.03
CA LYS D 126 -1.23 -27.67 -36.48
C LYS D 126 -1.77 -28.51 -35.31
N SER D 127 -3.04 -28.90 -35.39
CA SER D 127 -3.69 -29.72 -34.38
C SER D 127 -2.90 -31.00 -34.08
N LEU D 128 -3.48 -31.88 -33.28
CA LEU D 128 -2.83 -33.16 -32.99
C LEU D 128 -3.00 -33.96 -34.27
N ASP D 129 -4.22 -34.05 -34.78
CA ASP D 129 -4.45 -34.80 -36.00
C ASP D 129 -4.13 -34.04 -37.28
N SER D 130 -4.01 -32.72 -37.20
CA SER D 130 -3.64 -31.97 -38.38
C SER D 130 -2.20 -32.44 -38.59
N TRP D 131 -1.71 -33.17 -37.60
CA TRP D 131 -0.37 -33.75 -37.56
C TRP D 131 -0.42 -35.16 -38.14
N ALA D 132 -1.41 -35.94 -37.71
CA ALA D 132 -1.56 -37.32 -38.21
C ALA D 132 -1.69 -37.23 -39.73
N SER D 133 -2.79 -36.64 -40.18
CA SER D 133 -3.05 -36.49 -41.60
C SER D 133 -1.83 -36.02 -42.41
N LEU D 134 -1.03 -35.09 -41.91
CA LEU D 134 0.12 -34.67 -42.71
C LEU D 134 1.31 -35.60 -42.53
N ILE D 135 1.01 -36.86 -42.80
CA ILE D 135 1.94 -37.98 -42.70
C ILE D 135 1.51 -38.96 -43.81
N LEU D 136 0.19 -39.17 -43.93
CA LEU D 136 -0.38 -40.03 -44.96
C LEU D 136 -0.19 -39.24 -46.24
N GLN D 137 0.31 -38.01 -46.07
CA GLN D 137 0.59 -37.14 -47.18
C GLN D 137 2.04 -37.44 -47.54
N TRP D 138 2.70 -38.21 -46.68
CA TRP D 138 4.08 -38.64 -46.92
C TRP D 138 3.93 -39.75 -47.94
N PHE D 139 2.74 -40.34 -47.90
CA PHE D 139 2.37 -41.47 -48.73
C PHE D 139 1.56 -41.07 -49.97
N GLU D 140 1.32 -39.77 -50.13
CA GLU D 140 0.56 -39.25 -51.26
C GLU D 140 1.43 -38.89 -52.46
N ASP D 141 2.71 -38.63 -52.23
CA ASP D 141 3.60 -38.28 -53.32
C ASP D 141 4.95 -38.99 -53.22
N SER D 142 4.98 -40.08 -52.45
CA SER D 142 6.20 -40.88 -52.25
C SER D 142 6.15 -42.31 -52.82
N GLY D 143 4.95 -42.89 -52.90
CA GLY D 143 4.83 -44.25 -53.40
C GLY D 143 5.58 -45.13 -52.42
N LYS D 144 5.07 -45.17 -51.19
CA LYS D 144 5.64 -45.97 -50.09
C LYS D 144 4.50 -46.26 -49.10
N LEU D 145 3.28 -46.17 -49.60
CA LEU D 145 2.03 -46.38 -48.85
C LEU D 145 1.83 -47.70 -48.08
N ASN D 146 2.41 -48.81 -48.57
CA ASN D 146 2.21 -50.13 -47.94
C ASN D 146 3.24 -50.68 -46.96
N GLN D 147 4.52 -50.34 -47.14
CA GLN D 147 5.62 -50.84 -46.30
C GLN D 147 5.37 -51.00 -44.77
N VAL D 148 6.35 -50.66 -43.94
CA VAL D 148 6.23 -50.73 -42.46
C VAL D 148 7.46 -50.02 -41.88
N ILE D 149 7.27 -48.75 -41.52
CA ILE D 149 8.34 -47.89 -40.98
C ILE D 149 8.30 -47.53 -39.51
N THR D 150 9.50 -47.42 -38.96
CA THR D 150 9.64 -47.05 -37.58
C THR D 150 9.84 -45.56 -37.49
N LEU D 151 9.74 -45.07 -36.26
CA LEU D 151 9.88 -43.68 -35.96
C LEU D 151 11.27 -43.13 -36.28
N TYR D 152 12.32 -43.74 -35.75
CA TYR D 152 13.68 -43.26 -36.04
C TYR D 152 13.78 -42.86 -37.51
N GLU D 153 12.84 -43.37 -38.30
CA GLU D 153 12.74 -43.12 -39.74
C GLU D 153 12.12 -41.75 -40.07
N LEU D 154 10.85 -41.80 -40.46
CA LEU D 154 10.02 -40.64 -40.85
C LEU D 154 10.37 -39.33 -40.15
N SER D 155 10.99 -39.45 -38.99
CA SER D 155 11.41 -38.29 -38.26
C SER D 155 12.85 -37.91 -38.66
N GLU D 156 13.85 -38.71 -38.30
CA GLU D 156 15.23 -38.36 -38.63
C GLU D 156 15.83 -38.91 -39.92
N GLY D 157 17.15 -38.73 -40.06
CA GLY D 157 17.93 -39.21 -41.20
C GLY D 157 17.81 -38.63 -42.61
N ASP D 158 17.00 -39.30 -43.44
CA ASP D 158 16.74 -38.89 -44.82
C ASP D 158 15.24 -38.67 -44.93
N GLU D 159 14.66 -38.39 -43.77
CA GLU D 159 13.23 -38.10 -43.64
C GLU D 159 13.00 -36.70 -43.05
N THR D 160 14.12 -36.01 -42.87
CA THR D 160 14.17 -34.63 -42.41
C THR D 160 14.02 -33.95 -43.78
N VAL D 161 12.92 -34.31 -44.44
CA VAL D 161 12.57 -33.83 -45.77
C VAL D 161 12.11 -32.38 -45.64
N ASN D 162 11.54 -31.84 -46.71
CA ASN D 162 11.01 -30.48 -46.66
C ASN D 162 9.62 -30.72 -46.06
N TRP D 163 9.58 -31.75 -45.22
CA TRP D 163 8.40 -32.22 -44.49
C TRP D 163 8.71 -32.00 -43.00
N GLU D 164 8.08 -30.96 -42.46
CA GLU D 164 8.29 -30.53 -41.09
C GLU D 164 8.19 -31.48 -39.90
N PHE D 165 7.39 -32.55 -39.94
CA PHE D 165 7.40 -33.40 -38.74
C PHE D 165 8.80 -33.98 -38.52
N HIS D 166 9.68 -33.66 -39.47
CA HIS D 166 11.06 -34.09 -39.42
C HIS D 166 11.56 -33.79 -38.01
N ARG D 167 12.67 -34.41 -37.64
CA ARG D 167 13.23 -34.22 -36.32
C ARG D 167 12.18 -34.28 -35.17
N MET D 168 10.89 -34.40 -35.48
CA MET D 168 9.87 -34.47 -34.42
C MET D 168 10.03 -35.67 -33.53
N PRO D 169 10.43 -35.46 -32.27
CA PRO D 169 10.58 -36.62 -31.39
C PRO D 169 9.48 -37.68 -31.45
N GLU D 170 9.94 -38.93 -31.41
CA GLU D 170 9.11 -40.11 -31.49
C GLU D 170 7.86 -40.11 -30.62
N SER D 171 8.01 -39.88 -29.32
CA SER D 171 6.88 -39.88 -28.40
C SER D 171 5.61 -39.14 -28.88
N LEU D 172 5.74 -37.93 -29.41
CA LEU D 172 4.56 -37.18 -29.89
C LEU D 172 4.06 -37.91 -31.14
N LEU D 173 5.01 -38.38 -31.95
CA LEU D 173 4.72 -39.14 -33.15
C LEU D 173 3.71 -40.24 -32.85
N TYR D 174 4.05 -41.02 -31.83
CA TYR D 174 3.22 -42.12 -31.31
C TYR D 174 1.78 -41.60 -31.27
N TYR D 175 1.70 -40.37 -30.76
CA TYR D 175 0.48 -39.61 -30.54
C TYR D 175 -0.13 -38.94 -31.75
N CYS D 176 0.72 -38.51 -32.68
CA CYS D 176 0.24 -37.88 -33.90
C CYS D 176 -0.32 -39.03 -34.73
N LEU D 177 0.22 -40.22 -34.50
CA LEU D 177 -0.20 -41.40 -35.24
C LEU D 177 -1.35 -42.20 -34.63
N LYS D 178 -1.48 -42.17 -33.31
CA LYS D 178 -2.56 -42.89 -32.62
C LYS D 178 -3.96 -42.53 -33.18
N PRO D 179 -4.05 -41.51 -34.04
CA PRO D 179 -5.44 -41.31 -34.46
C PRO D 179 -5.72 -42.07 -35.77
N LEU D 180 -4.70 -42.19 -36.60
CA LEU D 180 -4.83 -42.90 -37.87
C LEU D 180 -5.42 -44.26 -37.62
N CYS D 181 -5.18 -44.78 -36.42
CA CYS D 181 -5.66 -46.09 -36.03
C CYS D 181 -7.17 -46.09 -35.83
N ASP D 182 -7.81 -44.97 -36.17
CA ASP D 182 -9.27 -44.79 -36.05
C ASP D 182 -9.98 -44.47 -37.38
N ARG D 183 -9.21 -44.01 -38.37
CA ARG D 183 -9.71 -43.66 -39.71
C ARG D 183 -9.45 -44.85 -40.68
N ASN D 184 -8.39 -44.79 -41.49
CA ASN D 184 -8.05 -45.89 -42.42
C ASN D 184 -7.83 -47.15 -41.58
N ARG D 185 -7.53 -46.92 -40.30
CA ARG D 185 -7.31 -47.96 -39.30
C ARG D 185 -5.95 -48.70 -39.39
N ALA D 186 -4.96 -48.04 -40.02
CA ALA D 186 -3.61 -48.58 -40.20
C ALA D 186 -2.80 -48.68 -38.89
N THR D 187 -2.68 -49.88 -38.32
CA THR D 187 -1.97 -50.06 -37.05
C THR D 187 -0.44 -49.88 -36.98
N MET D 188 0.14 -50.21 -35.81
CA MET D 188 1.56 -50.04 -35.55
C MET D 188 2.21 -51.26 -34.87
N LEU D 189 3.53 -51.30 -34.89
CA LEU D 189 4.25 -52.43 -34.28
C LEU D 189 4.87 -52.22 -32.93
N LYS D 190 4.24 -52.90 -31.97
CA LYS D 190 4.64 -52.88 -30.59
C LYS D 190 5.59 -53.98 -30.20
N ASP D 191 6.57 -53.58 -29.39
CA ASP D 191 7.53 -54.52 -28.76
C ASP D 191 7.65 -54.14 -27.25
N GLU D 192 6.85 -54.56 -26.25
CA GLU D 192 7.04 -54.11 -24.80
C GLU D 192 6.30 -52.86 -24.71
N ASN D 193 5.51 -52.64 -25.77
CA ASN D 193 4.65 -51.50 -25.92
C ASN D 193 5.18 -50.14 -26.46
N ASP D 194 6.34 -50.15 -27.13
CA ASP D 194 6.87 -48.90 -27.72
C ASP D 194 6.41 -48.77 -29.20
N LYS D 195 7.32 -48.60 -30.17
CA LYS D 195 6.84 -48.40 -31.57
C LYS D 195 7.57 -48.72 -32.88
N VAL D 196 6.85 -48.30 -33.94
CA VAL D 196 7.09 -48.36 -35.40
C VAL D 196 5.70 -48.65 -36.01
N ILE D 197 5.38 -48.13 -37.19
CA ILE D 197 3.99 -48.31 -37.64
C ILE D 197 3.59 -48.84 -39.00
N ALA D 198 2.45 -49.55 -38.98
CA ALA D 198 1.82 -50.18 -40.15
C ALA D 198 0.73 -49.32 -40.80
N ILE D 199 1.18 -48.32 -41.54
CA ILE D 199 0.31 -47.40 -42.23
C ILE D 199 -0.36 -48.05 -43.44
#